data_366D
# 
_entry.id   366D 
# 
_audit_conform.dict_name       mmcif_pdbx.dic 
_audit_conform.dict_version    5.387 
_audit_conform.dict_location   http://mmcif.pdb.org/dictionaries/ascii/mmcif_pdbx.dic 
# 
loop_
_database_2.database_id 
_database_2.database_code 
_database_2.pdbx_database_accession 
_database_2.pdbx_DOI 
PDB   366D         pdb_0000366d 10.2210/pdb366d/pdb 
RCSB  DDF073       ?            ?                   
WWPDB D_1000178836 ?            ?                   
# 
loop_
_pdbx_audit_revision_history.ordinal 
_pdbx_audit_revision_history.data_content_type 
_pdbx_audit_revision_history.major_revision 
_pdbx_audit_revision_history.minor_revision 
_pdbx_audit_revision_history.revision_date 
1 'Structure model' 1 0 1999-04-06 
2 'Structure model' 1 1 2008-05-22 
3 'Structure model' 1 2 2011-07-13 
4 'Structure model' 1 3 2024-02-21 
# 
_pdbx_audit_revision_details.ordinal             1 
_pdbx_audit_revision_details.revision_ordinal    1 
_pdbx_audit_revision_details.data_content_type   'Structure model' 
_pdbx_audit_revision_details.provider            repository 
_pdbx_audit_revision_details.type                'Initial release' 
_pdbx_audit_revision_details.description         ? 
_pdbx_audit_revision_details.details             ? 
# 
loop_
_pdbx_audit_revision_group.ordinal 
_pdbx_audit_revision_group.revision_ordinal 
_pdbx_audit_revision_group.data_content_type 
_pdbx_audit_revision_group.group 
1 2 'Structure model' 'Version format compliance' 
2 3 'Structure model' 'Version format compliance' 
3 4 'Structure model' 'Data collection'           
4 4 'Structure model' 'Database references'       
5 4 'Structure model' 'Derived calculations'      
# 
loop_
_pdbx_audit_revision_category.ordinal 
_pdbx_audit_revision_category.revision_ordinal 
_pdbx_audit_revision_category.data_content_type 
_pdbx_audit_revision_category.category 
1 4 'Structure model' chem_comp_atom 
2 4 'Structure model' chem_comp_bond 
3 4 'Structure model' database_2     
4 4 'Structure model' struct_conn    
5 4 'Structure model' struct_site    
# 
loop_
_pdbx_audit_revision_item.ordinal 
_pdbx_audit_revision_item.revision_ordinal 
_pdbx_audit_revision_item.data_content_type 
_pdbx_audit_revision_item.item 
1 4 'Structure model' '_database_2.pdbx_DOI'                
2 4 'Structure model' '_database_2.pdbx_database_accession' 
3 4 'Structure model' '_struct_conn.pdbx_leaving_atom_flag' 
4 4 'Structure model' '_struct_site.pdbx_auth_asym_id'      
5 4 'Structure model' '_struct_site.pdbx_auth_comp_id'      
6 4 'Structure model' '_struct_site.pdbx_auth_seq_id'       
# 
_pdbx_database_status.status_code                     REL 
_pdbx_database_status.entry_id                        366D 
_pdbx_database_status.recvd_initial_deposition_date   1997-12-19 
_pdbx_database_status.deposit_site                    NDB 
_pdbx_database_status.process_site                    NDB 
_pdbx_database_status.status_code_sf                  REL 
_pdbx_database_status.status_code_mr                  ? 
_pdbx_database_status.SG_entry                        ? 
_pdbx_database_status.pdb_format_compatible           Y 
_pdbx_database_status.status_code_cs                  ? 
_pdbx_database_status.status_code_nmr_data            ? 
_pdbx_database_status.methods_development_category    ? 
# 
loop_
_audit_author.name 
_audit_author.pdbx_ordinal 
'Todd, A.K.'   1 
'Adams, A.'    2 
'Thorpe, J.H.' 3 
'Denny, W.A.'  4 
'Cardin, C.J.' 5 
# 
_citation.id                        primary 
_citation.title                     
;Major groove binding and 'DNA-induced' fit in the intercalation of a derivative of the mixed topoisomerase I/II poison N-(2-(dimethylamino)ethyl)acridine-4-carboxamide (DACA) into DNA: X-ray structure complexed to d(CG(5-BrU)ACG)2 at 1.3-A resolution.
;
_citation.journal_abbrev            J.Med.Chem. 
_citation.journal_volume            42 
_citation.page_first                536 
_citation.page_last                 540 
_citation.year                      1999 
_citation.journal_id_ASTM           JMCMAR 
_citation.country                   US 
_citation.journal_id_ISSN           0022-2623 
_citation.journal_id_CSD            0151 
_citation.book_publisher            ? 
_citation.pdbx_database_id_PubMed   10052960 
_citation.pdbx_database_id_DOI      10.1021/jm980479u 
# 
loop_
_citation_author.citation_id 
_citation_author.name 
_citation_author.ordinal 
_citation_author.identifier_ORCID 
primary 'Todd, A.K.'    1 ? 
primary 'Adams, A.'     2 ? 
primary 'Thorpe, J.H.'  3 ? 
primary 'Denny, W.A.'   4 ? 
primary 'Wakelin, L.P.' 5 ? 
primary 'Cardin, C.J.'  6 ? 
# 
loop_
_entity.id 
_entity.type 
_entity.src_method 
_entity.pdbx_description 
_entity.formula_weight 
_entity.pdbx_number_of_molecules 
_entity.pdbx_ec 
_entity.pdbx_mutation 
_entity.pdbx_fragment 
_entity.details 
1 polymer     syn 
;DNA (5'-D(*CP*GP*(BRU)P*AP*CP*G)-3')
;
1874.087 1  ? ? ? 'COMPLEXED WITH 6-BROMO-9-AMINO-N-ETHYL(DIAMINOMETHYL)ACRIDINE-4-CARBOXAMIDE' 
2 non-polymer syn '6-BROMO-9-AMINO-N-ETHYL(DIAMINOMETHYL)ACRIDINE-4-CARBOXAMIDE' 389.290  2  ? ? ? ? 
3 water       nat water                                                          18.015   30 ? ? ? ? 
# 
_entity_poly.entity_id                      1 
_entity_poly.type                           polydeoxyribonucleotide 
_entity_poly.nstd_linkage                   no 
_entity_poly.nstd_monomer                   yes 
_entity_poly.pdbx_seq_one_letter_code       '(DC)(DG)(BRU)(DA)(DC)(DG)' 
_entity_poly.pdbx_seq_one_letter_code_can   CGUACG 
_entity_poly.pdbx_strand_id                 A 
_entity_poly.pdbx_target_identifier         ? 
# 
loop_
_pdbx_entity_nonpoly.entity_id 
_pdbx_entity_nonpoly.name 
_pdbx_entity_nonpoly.comp_id 
2 '6-BROMO-9-AMINO-N-ETHYL(DIAMINOMETHYL)ACRIDINE-4-CARBOXAMIDE' DA6 
3 water                                                          HOH 
# 
loop_
_entity_poly_seq.entity_id 
_entity_poly_seq.num 
_entity_poly_seq.mon_id 
_entity_poly_seq.hetero 
1 1 DC  n 
1 2 DG  n 
1 3 BRU n 
1 4 DA  n 
1 5 DC  n 
1 6 DG  n 
# 
loop_
_chem_comp.id 
_chem_comp.type 
_chem_comp.mon_nstd_flag 
_chem_comp.name 
_chem_comp.pdbx_synonyms 
_chem_comp.formula 
_chem_comp.formula_weight 
BRU 'DNA linking' n "5-BROMO-2'-DEOXYURIDINE-5'-MONOPHOSPHATE"                     ?        'C9 H12 Br N2 O8 P' 387.078 
DA  'DNA linking' y "2'-DEOXYADENOSINE-5'-MONOPHOSPHATE"                           ?        'C10 H14 N5 O6 P'   331.222 
DA6 non-polymer   . '6-BROMO-9-AMINO-N-ETHYL(DIAMINOMETHYL)ACRIDINE-4-CARBOXAMIDE' 6BR20686 'C18 H21 Br N4 O 2' 389.290 
DC  'DNA linking' y "2'-DEOXYCYTIDINE-5'-MONOPHOSPHATE"                            ?        'C9 H14 N3 O7 P'    307.197 
DG  'DNA linking' y "2'-DEOXYGUANOSINE-5'-MONOPHOSPHATE"                           ?        'C10 H14 N5 O7 P'   347.221 
HOH non-polymer   . WATER                                                          ?        'H2 O'              18.015  
# 
loop_
_pdbx_poly_seq_scheme.asym_id 
_pdbx_poly_seq_scheme.entity_id 
_pdbx_poly_seq_scheme.seq_id 
_pdbx_poly_seq_scheme.mon_id 
_pdbx_poly_seq_scheme.ndb_seq_num 
_pdbx_poly_seq_scheme.pdb_seq_num 
_pdbx_poly_seq_scheme.auth_seq_num 
_pdbx_poly_seq_scheme.pdb_mon_id 
_pdbx_poly_seq_scheme.auth_mon_id 
_pdbx_poly_seq_scheme.pdb_strand_id 
_pdbx_poly_seq_scheme.pdb_ins_code 
_pdbx_poly_seq_scheme.hetero 
A 1 1 DC  1 1001 1001 DC  C  A . n 
A 1 2 DG  2 1002 1002 DG  G  A . n 
A 1 3 BRU 3 1003 1003 BRU +U A . n 
A 1 4 DA  4 1004 1004 DA  A  A . n 
A 1 5 DC  5 1005 1005 DC  C  A . n 
A 1 6 DG  6 1006 1006 DG  G  A . n 
# 
loop_
_pdbx_nonpoly_scheme.asym_id 
_pdbx_nonpoly_scheme.entity_id 
_pdbx_nonpoly_scheme.mon_id 
_pdbx_nonpoly_scheme.ndb_seq_num 
_pdbx_nonpoly_scheme.pdb_seq_num 
_pdbx_nonpoly_scheme.auth_seq_num 
_pdbx_nonpoly_scheme.pdb_mon_id 
_pdbx_nonpoly_scheme.auth_mon_id 
_pdbx_nonpoly_scheme.pdb_strand_id 
_pdbx_nonpoly_scheme.pdb_ins_code 
B 2 DA6 1  3013 3013 DA6 DA6 A . 
C 2 DA6 1  3015 3015 DA6 DA6 A . 
D 3 HOH 1  4001 4001 HOH HOH A . 
D 3 HOH 2  4002 4002 HOH HOH A . 
D 3 HOH 3  4003 4003 HOH HOH A . 
D 3 HOH 4  4004 4004 HOH HOH A . 
D 3 HOH 5  4005 4005 HOH HOH A . 
D 3 HOH 6  4006 4006 HOH HOH A . 
D 3 HOH 7  4007 4007 HOH HOH A . 
D 3 HOH 8  4008 4008 HOH HOH A . 
D 3 HOH 9  4009 4009 HOH HOH A . 
D 3 HOH 10 4010 4010 HOH HOH A . 
D 3 HOH 11 4011 4011 HOH HOH A . 
D 3 HOH 12 4012 4012 HOH HOH A . 
D 3 HOH 13 4013 4013 HOH HOH A . 
D 3 HOH 14 4014 4014 HOH HOH A . 
D 3 HOH 15 4015 4015 HOH HOH A . 
D 3 HOH 16 4017 4017 HOH HOH A . 
D 3 HOH 17 4018 4018 HOH HOH A . 
D 3 HOH 18 4019 4019 HOH HOH A . 
D 3 HOH 19 4020 4020 HOH HOH A . 
D 3 HOH 20 4022 4022 HOH HOH A . 
D 3 HOH 21 4023 4023 HOH HOH A . 
D 3 HOH 22 4024 4024 HOH HOH A . 
D 3 HOH 23 4025 4025 HOH HOH A . 
D 3 HOH 24 4026 4026 HOH HOH A . 
D 3 HOH 25 4027 4027 HOH HOH A . 
D 3 HOH 26 4028 4028 HOH HOH A . 
D 3 HOH 27 4029 4029 HOH HOH A . 
D 3 HOH 28 4030 4030 HOH HOH A . 
D 3 HOH 29 4131 4131 HOH HOH A . 
D 3 HOH 30 4132 4132 HOH HOH A . 
# 
loop_
_software.name 
_software.classification 
_software.version 
_software.citation_id 
_software.pdbx_ordinal 
SHELXS    phasing          . ? 1 
SHELXL-96 refinement       . ? 2 
DENZO     'data reduction' . ? 3 
SCALEPACK 'data scaling'   . ? 4 
# 
_cell.entry_id           366D 
_cell.length_a           30.110 
_cell.length_b           30.110 
_cell.length_c           39.560 
_cell.angle_alpha        90.00 
_cell.angle_beta         90.00 
_cell.angle_gamma        120.00 
_cell.Z_PDB              6 
_cell.pdbx_unique_axis   ? 
# 
_symmetry.entry_id                         366D 
_symmetry.space_group_name_H-M             'P 64' 
_symmetry.pdbx_full_space_group_name_H-M   ? 
_symmetry.cell_setting                     hexagonal 
_symmetry.Int_Tables_number                172 
# 
_exptl.entry_id          366D 
_exptl.method            'X-RAY DIFFRACTION' 
_exptl.crystals_number   1 
# 
_exptl_crystal.id                    1 
_exptl_crystal.density_meas          ? 
_exptl_crystal.density_Matthews      2.74 
_exptl_crystal.density_percent_sol   54.0 
_exptl_crystal.description           ? 
# 
_exptl_crystal_grow.crystal_id      1 
_exptl_crystal_grow.method          'VAPOR DIFFUSION, HANGING DROP' 
_exptl_crystal_grow.temp            ? 
_exptl_crystal_grow.temp_details    ? 
_exptl_crystal_grow.pH              6.5 
_exptl_crystal_grow.pdbx_details    'pH 6.5, VAPOR DIFFUSION, HANGING DROP' 
_exptl_crystal_grow.pdbx_pH_range   ? 
# 
loop_
_exptl_crystal_grow_comp.crystal_id 
_exptl_crystal_grow_comp.id 
_exptl_crystal_grow_comp.sol_id 
_exptl_crystal_grow_comp.name 
_exptl_crystal_grow_comp.volume 
_exptl_crystal_grow_comp.conc 
_exptl_crystal_grow_comp.details 
1 1 1 'SODIUM CACODYLATE' ? ? ? 
1 2 1 MGCL2               ? ? ? 
1 3 1 SPERMINE            ? ? ? 
1 4 1 MPD                 ? ? ? 
# 
_diffrn.id                     1 
_diffrn.ambient_temp           100.0 
_diffrn.ambient_temp_details   ? 
_diffrn.crystal_id             1 
# 
_diffrn_detector.diffrn_id              1 
_diffrn_detector.detector               'IMAGE PLATE' 
_diffrn_detector.type                   MARRESEARCH 
_diffrn_detector.pdbx_collection_date   1997-10-14 
_diffrn_detector.details                MIRRORS 
# 
_diffrn_radiation.diffrn_id                        1 
_diffrn_radiation.wavelength_id                    1 
_diffrn_radiation.pdbx_monochromatic_or_laue_m_l   M 
_diffrn_radiation.monochromator                    'SI 111 CRYSTAL' 
_diffrn_radiation.pdbx_diffrn_protocol             'SINGLE WAVELENGTH' 
_diffrn_radiation.pdbx_scattering_type             x-ray 
# 
_diffrn_radiation_wavelength.id           1 
_diffrn_radiation_wavelength.wavelength   1.0000 
_diffrn_radiation_wavelength.wt           1.0 
# 
_diffrn_source.diffrn_id                   1 
_diffrn_source.source                      SYNCHROTRON 
_diffrn_source.type                        'ELETTRA BEAMLINE 5.2R' 
_diffrn_source.pdbx_synchrotron_site       ELETTRA 
_diffrn_source.pdbx_synchrotron_beamline   5.2R 
_diffrn_source.pdbx_wavelength             1.0000 
_diffrn_source.pdbx_wavelength_list        ? 
# 
_reflns.entry_id                     366D 
_reflns.observed_criterion_sigma_I   ? 
_reflns.observed_criterion_sigma_F   ? 
_reflns.d_resolution_low             8.0 
_reflns.d_resolution_high            1.30 
_reflns.number_obs                   9362 
_reflns.number_all                   ? 
_reflns.percent_possible_obs         95.3 
_reflns.pdbx_Rmerge_I_obs            0.06 
_reflns.pdbx_Rsym_value              ? 
_reflns.pdbx_netI_over_sigmaI        ? 
_reflns.B_iso_Wilson_estimate        ? 
_reflns.pdbx_redundancy              3.91 
_reflns.R_free_details               ? 
_reflns.pdbx_diffrn_id               1 
_reflns.pdbx_ordinal                 1 
# 
_refine.entry_id                                 366D 
_refine.ls_number_reflns_obs                     ? 
_refine.ls_number_reflns_all                     8867 
_refine.pdbx_ls_sigma_I                          ? 
_refine.pdbx_ls_sigma_F                          ? 
_refine.pdbx_data_cutoff_high_absF               ? 
_refine.pdbx_data_cutoff_low_absF                ? 
_refine.pdbx_data_cutoff_high_rms_absF           ? 
_refine.ls_d_res_low                             8.0 
_refine.ls_d_res_high                            1.30 
_refine.ls_percent_reflns_obs                    90.2 
_refine.ls_R_factor_obs                          ? 
_refine.ls_R_factor_all                          0.185 
_refine.ls_R_factor_R_work                       ? 
_refine.ls_R_factor_R_free                       ? 
_refine.ls_R_factor_R_free_error                 ? 
_refine.ls_R_factor_R_free_error_details         ? 
_refine.ls_percent_reflns_R_free                 ? 
_refine.ls_number_reflns_R_free                  ? 
_refine.ls_number_parameters                     3275 
_refine.ls_number_restraints                     8013 
_refine.occupancy_min                            ? 
_refine.occupancy_max                            ? 
_refine.B_iso_mean                               ? 
_refine.aniso_B[1][1]                            ? 
_refine.aniso_B[2][2]                            ? 
_refine.aniso_B[3][3]                            ? 
_refine.aniso_B[1][2]                            ? 
_refine.aniso_B[1][3]                            ? 
_refine.aniso_B[2][3]                            ? 
_refine.solvent_model_details                    ? 
_refine.solvent_model_param_ksol                 ? 
_refine.solvent_model_param_bsol                 ? 
_refine.pdbx_ls_cross_valid_method               ? 
_refine.details                                  ? 
_refine.pdbx_starting_model                      ? 
_refine.pdbx_method_to_determine_struct          'AB INITIO' 
_refine.pdbx_isotropic_thermal_model             ? 
_refine.pdbx_stereochemistry_target_values       ? 
_refine.pdbx_stereochem_target_val_spec_case     ? 
_refine.pdbx_R_Free_selection_details            ? 
_refine.pdbx_overall_ESU_R                       ? 
_refine.pdbx_overall_ESU_R_Free                  ? 
_refine.overall_SU_ML                            ? 
_refine.overall_SU_B                             ? 
_refine.ls_redundancy_reflns_obs                 ? 
_refine.correlation_coeff_Fo_to_Fc               ? 
_refine.correlation_coeff_Fo_to_Fc_free          ? 
_refine.overall_SU_R_Cruickshank_DPI             ? 
_refine.overall_SU_R_free                        ? 
_refine.pdbx_refine_id                           'X-RAY DIFFRACTION' 
_refine.pdbx_diffrn_id                           1 
_refine.pdbx_TLS_residual_ADP_flag               ? 
_refine.pdbx_solvent_vdw_probe_radii             ? 
_refine.pdbx_solvent_ion_probe_radii             ? 
_refine.pdbx_solvent_shrinkage_radii             ? 
_refine.pdbx_overall_phase_error                 ? 
_refine.pdbx_overall_SU_R_free_Cruickshank_DPI   ? 
_refine.pdbx_overall_SU_R_Blow_DPI               ? 
_refine.pdbx_overall_SU_R_free_Blow_DPI          ? 
# 
_refine_analyze.entry_id                        366D 
_refine_analyze.Luzzati_coordinate_error_obs    ? 
_refine_analyze.Luzzati_sigma_a_obs             ? 
_refine_analyze.Luzzati_d_res_low_obs           ? 
_refine_analyze.Luzzati_coordinate_error_free   ? 
_refine_analyze.Luzzati_sigma_a_free            ? 
_refine_analyze.Luzzati_d_res_low_free          ? 
_refine_analyze.number_disordered_residues      1 
_refine_analyze.occupancy_sum_hydrogen          ? 
_refine_analyze.occupancy_sum_non_hydrogen      401.5 
_refine_analyze.pdbx_refine_id                  'X-RAY DIFFRACTION' 
# 
_refine_hist.pdbx_refine_id                   'X-RAY DIFFRACTION' 
_refine_hist.cycle_id                         LAST 
_refine_hist.pdbx_number_atoms_protein        0 
_refine_hist.pdbx_number_atoms_nucleic_acid   215 
_refine_hist.pdbx_number_atoms_ligand         91 
_refine_hist.number_atoms_solvent             30 
_refine_hist.number_atoms_total               336 
_refine_hist.d_res_high                       1.30 
_refine_hist.d_res_low                        8.0 
# 
loop_
_refine_ls_restr.type 
_refine_ls_restr.dev_ideal 
_refine_ls_restr.dev_ideal_target 
_refine_ls_restr.weight 
_refine_ls_restr.number 
_refine_ls_restr.pdbx_refine_id 
_refine_ls_restr.pdbx_restraint_function 
s_bond_d               0.002 ? ? ? 'X-RAY DIFFRACTION' ? 
s_angle_d              0.020 ? ? ? 'X-RAY DIFFRACTION' ? 
s_similar_dist         ?     ? ? ? 'X-RAY DIFFRACTION' ? 
s_from_restr_planes    ?     ? ? ? 'X-RAY DIFFRACTION' ? 
s_zero_chiral_vol      ?     ? ? ? 'X-RAY DIFFRACTION' ? 
s_non_zero_chiral_vol  ?     ? ? ? 'X-RAY DIFFRACTION' ? 
s_anti_bump_dis_restr  ?     ? ? ? 'X-RAY DIFFRACTION' ? 
s_rigid_bond_adp_cmpnt ?     ? ? ? 'X-RAY DIFFRACTION' ? 
s_similar_adp_cmpnt    ?     ? ? ? 'X-RAY DIFFRACTION' ? 
s_approx_iso_adps      ?     ? ? ? 'X-RAY DIFFRACTION' ? 
# 
_pdbx_refine.entry_id                                    366D 
_pdbx_refine.R_factor_all_no_cutoff                      0.185 
_pdbx_refine.R_factor_obs_no_cutoff                      ? 
_pdbx_refine.free_R_factor_no_cutoff                     ? 
_pdbx_refine.free_R_val_test_set_size_perc_no_cutoff     ? 
_pdbx_refine.free_R_val_test_set_ct_no_cutoff            ? 
_pdbx_refine.R_factor_all_4sig_cutoff                    0.165 
_pdbx_refine.R_factor_obs_4sig_cutoff                    ? 
_pdbx_refine.free_R_factor_4sig_cutoff                   ? 
_pdbx_refine.free_R_val_test_set_size_perc_4sig_cutoff   ? 
_pdbx_refine.free_R_val_test_set_ct_4sig_cutoff          ? 
_pdbx_refine.number_reflns_obs_4sig_cutoff               6253 
_pdbx_refine.number_reflns_obs_no_cutoff                 ? 
_pdbx_refine.pdbx_refine_id                              'X-RAY DIFFRACTION' 
_pdbx_refine.free_R_error_no_cutoff                      ? 
# 
_struct.entry_id                  366D 
_struct.title                     '1.3 A STRUCTURE DETERMINATION OF THE D(CG(5-BRU)ACG)2/6-BROMO-9-AMINO-DACA COMPLEX' 
_struct.pdbx_model_details        ? 
_struct.pdbx_CASP_flag            ? 
_struct.pdbx_model_type_details   ? 
# 
_struct_keywords.entry_id        366D 
_struct_keywords.pdbx_keywords   DNA 
_struct_keywords.text            'DNA, DRUG INTERCALATION, MAJOR GROOVE BINDING' 
# 
loop_
_struct_asym.id 
_struct_asym.pdbx_blank_PDB_chainid_flag 
_struct_asym.pdbx_modified 
_struct_asym.entity_id 
_struct_asym.details 
A N N 1 ? 
B N N 2 ? 
C N N 2 ? 
D N N 3 ? 
# 
_struct_ref.id                         1 
_struct_ref.entity_id                  1 
_struct_ref.db_name                    PDB 
_struct_ref.db_code                    366D 
_struct_ref.pdbx_db_accession          366D 
_struct_ref.pdbx_db_isoform            ? 
_struct_ref.pdbx_seq_one_letter_code   ? 
_struct_ref.pdbx_align_begin           ? 
# 
_struct_ref_seq.align_id                      1 
_struct_ref_seq.ref_id                        1 
_struct_ref_seq.pdbx_PDB_id_code              366D 
_struct_ref_seq.pdbx_strand_id                A 
_struct_ref_seq.seq_align_beg                 1 
_struct_ref_seq.pdbx_seq_align_beg_ins_code   ? 
_struct_ref_seq.seq_align_end                 6 
_struct_ref_seq.pdbx_seq_align_end_ins_code   ? 
_struct_ref_seq.pdbx_db_accession             366D 
_struct_ref_seq.db_align_beg                  1001 
_struct_ref_seq.pdbx_db_align_beg_ins_code    ? 
_struct_ref_seq.db_align_end                  1006 
_struct_ref_seq.pdbx_db_align_end_ins_code    ? 
_struct_ref_seq.pdbx_auth_seq_align_beg       1001 
_struct_ref_seq.pdbx_auth_seq_align_end       1006 
# 
_pdbx_struct_assembly.id                   1 
_pdbx_struct_assembly.details              author_defined_assembly 
_pdbx_struct_assembly.method_details       ? 
_pdbx_struct_assembly.oligomeric_details   dimeric 
_pdbx_struct_assembly.oligomeric_count     2 
# 
_pdbx_struct_assembly_gen.assembly_id       1 
_pdbx_struct_assembly_gen.oper_expression   1,2 
_pdbx_struct_assembly_gen.asym_id_list      A,B,C,D 
# 
loop_
_pdbx_struct_oper_list.id 
_pdbx_struct_oper_list.type 
_pdbx_struct_oper_list.name 
_pdbx_struct_oper_list.symmetry_operation 
_pdbx_struct_oper_list.matrix[1][1] 
_pdbx_struct_oper_list.matrix[1][2] 
_pdbx_struct_oper_list.matrix[1][3] 
_pdbx_struct_oper_list.vector[1] 
_pdbx_struct_oper_list.matrix[2][1] 
_pdbx_struct_oper_list.matrix[2][2] 
_pdbx_struct_oper_list.matrix[2][3] 
_pdbx_struct_oper_list.vector[2] 
_pdbx_struct_oper_list.matrix[3][1] 
_pdbx_struct_oper_list.matrix[3][2] 
_pdbx_struct_oper_list.matrix[3][3] 
_pdbx_struct_oper_list.vector[3] 
1 'identity operation'         1_555 x,y,z     1.0000000000  0.0000000000 0.0000000000  0.0000000000 0.0000000000 1.0000000000 0.0000000000  0.0000000000 0.0000000000  0.0000000000  1.0000000000  0.0000000000 
2 'crystal symmetry operation' 4_655 -x+1,-y,z -0.5693301341 0.6768240293 -0.4666609387 4.2783517148 0.6768240293 0.0636703493 -0.7333862011 1.7053157408 -0.4666609387 -0.7333862011 -0.4943402152 6.4216984576 
# 
_struct_biol.id                    1 
_struct_biol.pdbx_parent_biol_id   ? 
_struct_biol.details               ? 
# 
loop_
_struct_conn.id 
_struct_conn.conn_type_id 
_struct_conn.pdbx_leaving_atom_flag 
_struct_conn.pdbx_PDB_id 
_struct_conn.ptnr1_label_asym_id 
_struct_conn.ptnr1_label_comp_id 
_struct_conn.ptnr1_label_seq_id 
_struct_conn.ptnr1_label_atom_id 
_struct_conn.pdbx_ptnr1_label_alt_id 
_struct_conn.pdbx_ptnr1_PDB_ins_code 
_struct_conn.pdbx_ptnr1_standard_comp_id 
_struct_conn.ptnr1_symmetry 
_struct_conn.ptnr2_label_asym_id 
_struct_conn.ptnr2_label_comp_id 
_struct_conn.ptnr2_label_seq_id 
_struct_conn.ptnr2_label_atom_id 
_struct_conn.pdbx_ptnr2_label_alt_id 
_struct_conn.pdbx_ptnr2_PDB_ins_code 
_struct_conn.ptnr1_auth_asym_id 
_struct_conn.ptnr1_auth_comp_id 
_struct_conn.ptnr1_auth_seq_id 
_struct_conn.ptnr2_auth_asym_id 
_struct_conn.ptnr2_auth_comp_id 
_struct_conn.ptnr2_auth_seq_id 
_struct_conn.ptnr2_symmetry 
_struct_conn.pdbx_ptnr3_label_atom_id 
_struct_conn.pdbx_ptnr3_label_seq_id 
_struct_conn.pdbx_ptnr3_label_comp_id 
_struct_conn.pdbx_ptnr3_label_asym_id 
_struct_conn.pdbx_ptnr3_label_alt_id 
_struct_conn.pdbx_ptnr3_PDB_ins_code 
_struct_conn.details 
_struct_conn.pdbx_dist_value 
_struct_conn.pdbx_value_order 
_struct_conn.pdbx_role 
covale1  covale both ? A DG  2 "O3'" ? ? ? 1_555 A BRU 3 P  A ? A DG  1002 A BRU 1003 1_555 ? ? ? ? ? ? ?            1.638 ? ? 
covale2  covale both ? A DG  2 "O3'" ? ? ? 1_555 A BRU 3 P  B ? A DG  1002 A BRU 1003 1_555 ? ? ? ? ? ? ?            1.634 ? ? 
covale3  covale both ? A BRU 3 "O3'" B ? ? 1_555 A DA  4 P  B ? A BRU 1003 A DA  1004 1_555 ? ? ? ? ? ? ?            1.598 ? ? 
covale4  covale both ? A BRU 3 "O3'" A ? ? 1_555 A DA  4 P  A ? A BRU 1003 A DA  1004 1_555 ? ? ? ? ? ? ?            1.602 ? ? 
hydrog1  hydrog ?    ? A DC  1 N3    ? ? ? 1_555 A DG  6 N1 ? ? A DC  1001 A DG  1006 4_655 ? ? ? ? ? ? WATSON-CRICK ?     ? ? 
hydrog2  hydrog ?    ? A DC  1 N4    ? ? ? 1_555 A DG  6 O6 ? ? A DC  1001 A DG  1006 4_655 ? ? ? ? ? ? WATSON-CRICK ?     ? ? 
hydrog3  hydrog ?    ? A DC  1 O2    ? ? ? 1_555 A DG  6 N2 ? ? A DC  1001 A DG  1006 4_655 ? ? ? ? ? ? WATSON-CRICK ?     ? ? 
hydrog4  hydrog ?    ? A DG  2 N1    ? ? ? 1_555 A DC  5 N3 ? ? A DG  1002 A DC  1005 4_655 ? ? ? ? ? ? WATSON-CRICK ?     ? ? 
hydrog5  hydrog ?    ? A DG  2 N2    ? ? ? 1_555 A DC  5 O2 ? ? A DG  1002 A DC  1005 4_655 ? ? ? ? ? ? WATSON-CRICK ?     ? ? 
hydrog6  hydrog ?    ? A DG  2 O6    ? ? ? 1_555 A DC  5 N4 ? ? A DG  1002 A DC  1005 4_655 ? ? ? ? ? ? WATSON-CRICK ?     ? ? 
hydrog7  hydrog ?    ? A BRU 3 N3    A ? ? 1_555 A DA  4 N1 ? ? A BRU 1003 A DA  1004 4_655 ? ? ? ? ? ? WATSON-CRICK ?     ? ? 
hydrog8  hydrog ?    ? A BRU 3 O4    A ? ? 1_555 A DA  4 N6 ? ? A BRU 1003 A DA  1004 4_655 ? ? ? ? ? ? WATSON-CRICK ?     ? ? 
hydrog9  hydrog ?    ? A DA  4 N1    ? ? ? 1_555 A BRU 3 N3 A ? A DA  1004 A BRU 1003 4_655 ? ? ? ? ? ? WATSON-CRICK ?     ? ? 
hydrog10 hydrog ?    ? A DA  4 N6    ? ? ? 1_555 A BRU 3 O4 A ? A DA  1004 A BRU 1003 4_655 ? ? ? ? ? ? WATSON-CRICK ?     ? ? 
hydrog11 hydrog ?    ? A DC  5 N3    ? ? ? 1_555 A DG  2 N1 ? ? A DC  1005 A DG  1002 4_655 ? ? ? ? ? ? WATSON-CRICK ?     ? ? 
hydrog12 hydrog ?    ? A DC  5 N4    ? ? ? 1_555 A DG  2 O6 ? ? A DC  1005 A DG  1002 4_655 ? ? ? ? ? ? WATSON-CRICK ?     ? ? 
hydrog13 hydrog ?    ? A DC  5 O2    ? ? ? 1_555 A DG  2 N2 ? ? A DC  1005 A DG  1002 4_655 ? ? ? ? ? ? WATSON-CRICK ?     ? ? 
hydrog14 hydrog ?    ? A DG  6 N1    ? ? ? 1_555 A DC  1 N3 ? ? A DG  1006 A DC  1001 4_655 ? ? ? ? ? ? WATSON-CRICK ?     ? ? 
hydrog15 hydrog ?    ? A DG  6 N2    ? ? ? 1_555 A DC  1 O2 ? ? A DG  1006 A DC  1001 4_655 ? ? ? ? ? ? WATSON-CRICK ?     ? ? 
hydrog16 hydrog ?    ? A DG  6 O6    ? ? ? 1_555 A DC  1 N4 ? ? A DG  1006 A DC  1001 4_655 ? ? ? ? ? ? WATSON-CRICK ?     ? ? 
# 
loop_
_struct_conn_type.id 
_struct_conn_type.criteria 
_struct_conn_type.reference 
covale ? ? 
hydrog ? ? 
# 
loop_
_struct_site.id 
_struct_site.pdbx_evidence_code 
_struct_site.pdbx_auth_asym_id 
_struct_site.pdbx_auth_comp_id 
_struct_site.pdbx_auth_seq_id 
_struct_site.pdbx_auth_ins_code 
_struct_site.pdbx_num_residues 
_struct_site.details 
AC1 Software A DA6 3013 ? 8 'BINDING SITE FOR RESIDUE DA6 A 3013' 
AC2 Software A DA6 3015 ? 5 'BINDING SITE FOR RESIDUE DA6 A 3015' 
1   ?        ? ?   ?    ? ? ?                                     
# 
loop_
_struct_site_gen.id 
_struct_site_gen.site_id 
_struct_site_gen.pdbx_num_res 
_struct_site_gen.label_comp_id 
_struct_site_gen.label_asym_id 
_struct_site_gen.label_seq_id 
_struct_site_gen.pdbx_auth_ins_code 
_struct_site_gen.auth_comp_id 
_struct_site_gen.auth_asym_id 
_struct_site_gen.auth_seq_id 
_struct_site_gen.label_atom_id 
_struct_site_gen.label_alt_id 
_struct_site_gen.symmetry 
_struct_site_gen.details 
1  AC1 8 DC  A 1 ? DC  A 1001 . ? 4_655 ? 
2  AC1 8 DG  A 2 ? DG  A 1002 . ? 4_655 ? 
3  AC1 8 DG  A 2 ? DG  A 1002 . ? 6_544 ? 
4  AC1 8 DA  A 4 ? DA  A 1004 . ? 5_555 ? 
5  AC1 8 DC  A 5 ? DC  A 1005 . ? 1_555 ? 
6  AC1 8 DG  A 6 ? DG  A 1006 . ? 1_555 ? 
7  AC1 8 HOH D . ? HOH A 4012 . ? 1_555 ? 
8  AC1 8 HOH D . ? HOH A 4030 . ? 5_555 ? 
9  AC2 5 DC  A 1 ? DC  A 1001 . ? 1_445 ? 
10 AC2 5 DC  A 1 ? DC  A 1001 . ? 4_655 ? 
11 AC2 5 DG  A 6 ? DG  A 1006 . ? 4_545 ? 
12 AC2 5 DG  A 6 ? DG  A 1006 . ? 1_555 ? 
13 AC2 5 HOH D . ? HOH A 4002 . ? 2_545 ? 
# 
loop_
_pdbx_validate_rmsd_bond.id 
_pdbx_validate_rmsd_bond.PDB_model_num 
_pdbx_validate_rmsd_bond.auth_atom_id_1 
_pdbx_validate_rmsd_bond.auth_asym_id_1 
_pdbx_validate_rmsd_bond.auth_comp_id_1 
_pdbx_validate_rmsd_bond.auth_seq_id_1 
_pdbx_validate_rmsd_bond.PDB_ins_code_1 
_pdbx_validate_rmsd_bond.label_alt_id_1 
_pdbx_validate_rmsd_bond.auth_atom_id_2 
_pdbx_validate_rmsd_bond.auth_asym_id_2 
_pdbx_validate_rmsd_bond.auth_comp_id_2 
_pdbx_validate_rmsd_bond.auth_seq_id_2 
_pdbx_validate_rmsd_bond.PDB_ins_code_2 
_pdbx_validate_rmsd_bond.label_alt_id_2 
_pdbx_validate_rmsd_bond.bond_value 
_pdbx_validate_rmsd_bond.bond_target_value 
_pdbx_validate_rmsd_bond.bond_deviation 
_pdbx_validate_rmsd_bond.bond_standard_deviation 
_pdbx_validate_rmsd_bond.linker_flag 
1 1 "O4'" A DG 1002 ? ? "C1'" A DG 1002 ? ? 1.512 1.420 0.092 0.011 N 
2 1 P     A DA 1004 ? A OP1   A DA 1004 ? A 1.602 1.485 0.117 0.017 N 
3 1 P     A DA 1004 ? B OP2   A DA 1004 ? B 1.603 1.485 0.118 0.017 N 
4 1 P     A DG 1006 ? ? OP1   A DG 1006 ? ? 1.598 1.485 0.113 0.017 N 
5 1 C8    A DG 1006 ? ? N9    A DG 1006 ? ? 1.423 1.374 0.049 0.007 N 
# 
loop_
_pdbx_validate_rmsd_angle.id 
_pdbx_validate_rmsd_angle.PDB_model_num 
_pdbx_validate_rmsd_angle.auth_atom_id_1 
_pdbx_validate_rmsd_angle.auth_asym_id_1 
_pdbx_validate_rmsd_angle.auth_comp_id_1 
_pdbx_validate_rmsd_angle.auth_seq_id_1 
_pdbx_validate_rmsd_angle.PDB_ins_code_1 
_pdbx_validate_rmsd_angle.label_alt_id_1 
_pdbx_validate_rmsd_angle.auth_atom_id_2 
_pdbx_validate_rmsd_angle.auth_asym_id_2 
_pdbx_validate_rmsd_angle.auth_comp_id_2 
_pdbx_validate_rmsd_angle.auth_seq_id_2 
_pdbx_validate_rmsd_angle.PDB_ins_code_2 
_pdbx_validate_rmsd_angle.label_alt_id_2 
_pdbx_validate_rmsd_angle.auth_atom_id_3 
_pdbx_validate_rmsd_angle.auth_asym_id_3 
_pdbx_validate_rmsd_angle.auth_comp_id_3 
_pdbx_validate_rmsd_angle.auth_seq_id_3 
_pdbx_validate_rmsd_angle.PDB_ins_code_3 
_pdbx_validate_rmsd_angle.label_alt_id_3 
_pdbx_validate_rmsd_angle.angle_value 
_pdbx_validate_rmsd_angle.angle_target_value 
_pdbx_validate_rmsd_angle.angle_deviation 
_pdbx_validate_rmsd_angle.angle_standard_deviation 
_pdbx_validate_rmsd_angle.linker_flag 
1  1 N1    A DC 1001 ? ? "C1'" A DC 1001 ? ? "C2'" A DC 1001 ? ? 123.80 114.30 9.50   1.40 N 
2  1 C4    A DC 1001 ? ? C5    A DC 1001 ? ? C6    A DC 1001 ? ? 114.30 117.40 -3.10  0.50 N 
3  1 "O4'" A DG 1002 ? ? "C1'" A DG 1002 ? ? N9    A DG 1002 ? ? 101.47 108.00 -6.53  0.70 N 
4  1 OP1   A DA 1004 ? B P     A DA 1004 ? B OP2   A DA 1004 ? B 133.05 119.60 13.45  1.50 N 
5  1 "O5'" A DA 1004 ? ? P     A DA 1004 ? A OP2   A DA 1004 ? A 118.36 110.70 7.66   1.20 N 
6  1 "O5'" A DA 1004 ? ? P     A DA 1004 ? B OP2   A DA 1004 ? B 97.94  105.70 -7.76  0.90 N 
7  1 P     A DA 1004 ? B "O5'" A DA 1004 ? ? "C5'" A DA 1004 ? ? 101.69 120.90 -19.21 1.60 N 
8  1 "O4'" A DA 1004 ? ? "C1'" A DA 1004 ? ? N9    A DA 1004 ? ? 100.55 108.00 -7.45  0.70 N 
9  1 C4    A DA 1004 ? ? C5    A DA 1004 ? ? C6    A DA 1004 ? ? 120.69 117.00 3.69   0.50 N 
10 1 "O4'" A DC 1005 ? ? "C1'" A DC 1005 ? ? N1    A DC 1005 ? ? 110.35 108.30 2.05   0.30 N 
11 1 C6    A DC 1005 ? ? N1    A DC 1005 ? ? C2    A DC 1005 ? ? 124.45 120.30 4.15   0.40 N 
12 1 C5    A DC 1005 ? ? C6    A DC 1005 ? ? N1    A DC 1005 ? ? 116.20 121.00 -4.80  0.50 N 
13 1 "O4'" A DG 1006 ? ? "C1'" A DG 1006 ? ? N9    A DG 1006 ? ? 101.36 108.00 -6.64  0.70 N 
14 1 C5    A DG 1006 ? ? N7    A DG 1006 ? ? C8    A DG 1006 ? ? 108.00 104.30 3.70   0.50 N 
15 1 N7    A DG 1006 ? ? C8    A DG 1006 ? ? N9    A DG 1006 ? ? 109.80 113.10 -3.30  0.50 N 
# 
_pdbx_struct_mod_residue.id               1 
_pdbx_struct_mod_residue.label_asym_id    A 
_pdbx_struct_mod_residue.label_comp_id    BRU 
_pdbx_struct_mod_residue.label_seq_id     3 
_pdbx_struct_mod_residue.auth_asym_id     A 
_pdbx_struct_mod_residue.auth_comp_id     BRU 
_pdbx_struct_mod_residue.auth_seq_id      1003 
_pdbx_struct_mod_residue.PDB_ins_code     ? 
_pdbx_struct_mod_residue.parent_comp_id   DU 
_pdbx_struct_mod_residue.details          ? 
# 
_struct_site_keywords.site_id   1 
_struct_site_keywords.text      'INTERCALATION, GROOVE BINDER' 
# 
loop_
_pdbx_struct_special_symmetry.id 
_pdbx_struct_special_symmetry.PDB_model_num 
_pdbx_struct_special_symmetry.auth_asym_id 
_pdbx_struct_special_symmetry.auth_comp_id 
_pdbx_struct_special_symmetry.auth_seq_id 
_pdbx_struct_special_symmetry.PDB_ins_code 
_pdbx_struct_special_symmetry.label_asym_id 
_pdbx_struct_special_symmetry.label_comp_id 
_pdbx_struct_special_symmetry.label_seq_id 
1 1 A DA6 3015 ? C DA6 . 
2 1 A DA6 3015 ? C DA6 . 
3 1 A DA6 3015 ? C DA6 . 
4 1 A DA6 3015 ? C DA6 . 
# 
loop_
_chem_comp_atom.comp_id 
_chem_comp_atom.atom_id 
_chem_comp_atom.type_symbol 
_chem_comp_atom.pdbx_aromatic_flag 
_chem_comp_atom.pdbx_stereo_config 
_chem_comp_atom.pdbx_ordinal 
BRU N1     N  N N 1   
BRU C2     C  N N 2   
BRU N3     N  N N 3   
BRU C4     C  N N 4   
BRU C5     C  N N 5   
BRU C6     C  N N 6   
BRU O2     O  N N 7   
BRU O4     O  N N 8   
BRU BR     BR N N 9   
BRU "C1'"  C  N R 10  
BRU "C2'"  C  N N 11  
BRU "C3'"  C  N S 12  
BRU "C4'"  C  N R 13  
BRU "O3'"  O  N N 14  
BRU "O4'"  O  N N 15  
BRU "C5'"  C  N N 16  
BRU "O5'"  O  N N 17  
BRU P      P  N N 18  
BRU OP1    O  N N 19  
BRU OP2    O  N N 20  
BRU OP3    O  N N 21  
BRU HN3    H  N N 22  
BRU H6     H  N N 23  
BRU "H1'"  H  N N 24  
BRU "H2'"  H  N N 25  
BRU "H2''" H  N N 26  
BRU "H3'"  H  N N 27  
BRU "H4'"  H  N N 28  
BRU "HO3'" H  N N 29  
BRU "H5'"  H  N N 30  
BRU "H5''" H  N N 31  
BRU HOP2   H  N N 32  
BRU HOP3   H  N N 33  
DA  OP3    O  N N 34  
DA  P      P  N N 35  
DA  OP1    O  N N 36  
DA  OP2    O  N N 37  
DA  "O5'"  O  N N 38  
DA  "C5'"  C  N N 39  
DA  "C4'"  C  N R 40  
DA  "O4'"  O  N N 41  
DA  "C3'"  C  N S 42  
DA  "O3'"  O  N N 43  
DA  "C2'"  C  N N 44  
DA  "C1'"  C  N R 45  
DA  N9     N  Y N 46  
DA  C8     C  Y N 47  
DA  N7     N  Y N 48  
DA  C5     C  Y N 49  
DA  C6     C  Y N 50  
DA  N6     N  N N 51  
DA  N1     N  Y N 52  
DA  C2     C  Y N 53  
DA  N3     N  Y N 54  
DA  C4     C  Y N 55  
DA  HOP3   H  N N 56  
DA  HOP2   H  N N 57  
DA  "H5'"  H  N N 58  
DA  "H5''" H  N N 59  
DA  "H4'"  H  N N 60  
DA  "H3'"  H  N N 61  
DA  "HO3'" H  N N 62  
DA  "H2'"  H  N N 63  
DA  "H2''" H  N N 64  
DA  "H1'"  H  N N 65  
DA  H8     H  N N 66  
DA  H61    H  N N 67  
DA  H62    H  N N 68  
DA  H2     H  N N 69  
DA6 C1     C  Y N 70  
DA6 C2     C  Y N 71  
DA6 C3     C  Y N 72  
DA6 C4     C  Y N 73  
DA6 C5     C  Y N 74  
DA6 C6     C  Y N 75  
DA6 C7     C  Y N 76  
DA6 C8     C  Y N 77  
DA6 C9     C  Y N 78  
DA6 N9     N  N N 79  
DA6 N10    N  Y N 80  
DA6 C11    C  Y N 81  
DA6 C12    C  Y N 82  
DA6 C13    C  Y N 83  
DA6 C14    C  Y N 84  
DA6 BR     BR N N 85  
DA6 CD1    C  N N 86  
DA6 OD1    O  N N 87  
DA6 ND1    N  N N 88  
DA6 CD2    C  N N 89  
DA6 CD3    C  N N 90  
DA6 ND2    N  N N 91  
DA6 CD7    C  N N 92  
DA6 CD8    C  N N 93  
DA6 H1     H  N N 94  
DA6 H2     H  N N 95  
DA6 H3     H  N N 96  
DA6 H5     H  N N 97  
DA6 H7     H  N N 98  
DA6 H8     H  N N 99  
DA6 HN91   H  N N 100 
DA6 HN92   H  N N 101 
DA6 HN93   H  N N 102 
DA6 H10    H  N N 103 
DA6 HND1   H  N N 104 
DA6 HD21   H  N N 105 
DA6 HD22   H  N N 106 
DA6 HD31   H  N N 107 
DA6 HD32   H  N N 108 
DA6 HD71   H  N N 109 
DA6 HD72   H  N N 110 
DA6 HD73   H  N N 111 
DA6 HD81   H  N N 112 
DA6 HD82   H  N N 113 
DA6 HD83   H  N N 114 
DC  OP3    O  N N 115 
DC  P      P  N N 116 
DC  OP1    O  N N 117 
DC  OP2    O  N N 118 
DC  "O5'"  O  N N 119 
DC  "C5'"  C  N N 120 
DC  "C4'"  C  N R 121 
DC  "O4'"  O  N N 122 
DC  "C3'"  C  N S 123 
DC  "O3'"  O  N N 124 
DC  "C2'"  C  N N 125 
DC  "C1'"  C  N R 126 
DC  N1     N  N N 127 
DC  C2     C  N N 128 
DC  O2     O  N N 129 
DC  N3     N  N N 130 
DC  C4     C  N N 131 
DC  N4     N  N N 132 
DC  C5     C  N N 133 
DC  C6     C  N N 134 
DC  HOP3   H  N N 135 
DC  HOP2   H  N N 136 
DC  "H5'"  H  N N 137 
DC  "H5''" H  N N 138 
DC  "H4'"  H  N N 139 
DC  "H3'"  H  N N 140 
DC  "HO3'" H  N N 141 
DC  "H2'"  H  N N 142 
DC  "H2''" H  N N 143 
DC  "H1'"  H  N N 144 
DC  H41    H  N N 145 
DC  H42    H  N N 146 
DC  H5     H  N N 147 
DC  H6     H  N N 148 
DG  OP3    O  N N 149 
DG  P      P  N N 150 
DG  OP1    O  N N 151 
DG  OP2    O  N N 152 
DG  "O5'"  O  N N 153 
DG  "C5'"  C  N N 154 
DG  "C4'"  C  N R 155 
DG  "O4'"  O  N N 156 
DG  "C3'"  C  N S 157 
DG  "O3'"  O  N N 158 
DG  "C2'"  C  N N 159 
DG  "C1'"  C  N R 160 
DG  N9     N  Y N 161 
DG  C8     C  Y N 162 
DG  N7     N  Y N 163 
DG  C5     C  Y N 164 
DG  C6     C  N N 165 
DG  O6     O  N N 166 
DG  N1     N  N N 167 
DG  C2     C  N N 168 
DG  N2     N  N N 169 
DG  N3     N  N N 170 
DG  C4     C  Y N 171 
DG  HOP3   H  N N 172 
DG  HOP2   H  N N 173 
DG  "H5'"  H  N N 174 
DG  "H5''" H  N N 175 
DG  "H4'"  H  N N 176 
DG  "H3'"  H  N N 177 
DG  "HO3'" H  N N 178 
DG  "H2'"  H  N N 179 
DG  "H2''" H  N N 180 
DG  "H1'"  H  N N 181 
DG  H8     H  N N 182 
DG  H1     H  N N 183 
DG  H21    H  N N 184 
DG  H22    H  N N 185 
HOH O      O  N N 186 
HOH H1     H  N N 187 
HOH H2     H  N N 188 
# 
loop_
_chem_comp_bond.comp_id 
_chem_comp_bond.atom_id_1 
_chem_comp_bond.atom_id_2 
_chem_comp_bond.value_order 
_chem_comp_bond.pdbx_aromatic_flag 
_chem_comp_bond.pdbx_stereo_config 
_chem_comp_bond.pdbx_ordinal 
BRU N1    C2     sing N N 1   
BRU N1    C6     sing N N 2   
BRU N1    "C1'"  sing N N 3   
BRU C2    N3     sing N N 4   
BRU C2    O2     doub N N 5   
BRU N3    C4     sing N N 6   
BRU N3    HN3    sing N N 7   
BRU C4    C5     sing N N 8   
BRU C4    O4     doub N N 9   
BRU C5    C6     doub N N 10  
BRU C5    BR     sing N N 11  
BRU C6    H6     sing N N 12  
BRU "C1'" "C2'"  sing N N 13  
BRU "C1'" "O4'"  sing N N 14  
BRU "C1'" "H1'"  sing N N 15  
BRU "C2'" "C3'"  sing N N 16  
BRU "C2'" "H2'"  sing N N 17  
BRU "C2'" "H2''" sing N N 18  
BRU "C3'" "C4'"  sing N N 19  
BRU "C3'" "O3'"  sing N N 20  
BRU "C3'" "H3'"  sing N N 21  
BRU "C4'" "O4'"  sing N N 22  
BRU "C4'" "C5'"  sing N N 23  
BRU "C4'" "H4'"  sing N N 24  
BRU "O3'" "HO3'" sing N N 25  
BRU "C5'" "O5'"  sing N N 26  
BRU "C5'" "H5'"  sing N N 27  
BRU "C5'" "H5''" sing N N 28  
BRU "O5'" P      sing N N 29  
BRU P     OP1    doub N N 30  
BRU P     OP2    sing N N 31  
BRU P     OP3    sing N N 32  
BRU OP2   HOP2   sing N N 33  
BRU OP3   HOP3   sing N N 34  
DA  OP3   P      sing N N 35  
DA  OP3   HOP3   sing N N 36  
DA  P     OP1    doub N N 37  
DA  P     OP2    sing N N 38  
DA  P     "O5'"  sing N N 39  
DA  OP2   HOP2   sing N N 40  
DA  "O5'" "C5'"  sing N N 41  
DA  "C5'" "C4'"  sing N N 42  
DA  "C5'" "H5'"  sing N N 43  
DA  "C5'" "H5''" sing N N 44  
DA  "C4'" "O4'"  sing N N 45  
DA  "C4'" "C3'"  sing N N 46  
DA  "C4'" "H4'"  sing N N 47  
DA  "O4'" "C1'"  sing N N 48  
DA  "C3'" "O3'"  sing N N 49  
DA  "C3'" "C2'"  sing N N 50  
DA  "C3'" "H3'"  sing N N 51  
DA  "O3'" "HO3'" sing N N 52  
DA  "C2'" "C1'"  sing N N 53  
DA  "C2'" "H2'"  sing N N 54  
DA  "C2'" "H2''" sing N N 55  
DA  "C1'" N9     sing N N 56  
DA  "C1'" "H1'"  sing N N 57  
DA  N9    C8     sing Y N 58  
DA  N9    C4     sing Y N 59  
DA  C8    N7     doub Y N 60  
DA  C8    H8     sing N N 61  
DA  N7    C5     sing Y N 62  
DA  C5    C6     sing Y N 63  
DA  C5    C4     doub Y N 64  
DA  C6    N6     sing N N 65  
DA  C6    N1     doub Y N 66  
DA  N6    H61    sing N N 67  
DA  N6    H62    sing N N 68  
DA  N1    C2     sing Y N 69  
DA  C2    N3     doub Y N 70  
DA  C2    H2     sing N N 71  
DA  N3    C4     sing Y N 72  
DA6 C1    C2     doub Y N 73  
DA6 C1    C11    sing Y N 74  
DA6 C1    H1     sing N N 75  
DA6 C2    C3     sing Y N 76  
DA6 C2    H2     sing N N 77  
DA6 C3    C4     doub Y N 78  
DA6 C3    H3     sing N N 79  
DA6 C4    C12    sing Y N 80  
DA6 C4    CD1    sing N N 81  
DA6 C5    C6     doub Y N 82  
DA6 C5    C14    sing Y N 83  
DA6 C5    H5     sing N N 84  
DA6 C6    C7     sing Y N 85  
DA6 C6    BR     sing N N 86  
DA6 C7    C8     doub Y N 87  
DA6 C7    H7     sing N N 88  
DA6 C8    C13    sing Y N 89  
DA6 C8    H8     sing N N 90  
DA6 C9    N9     sing N N 91  
DA6 C9    C11    doub Y N 92  
DA6 C9    C13    sing Y N 93  
DA6 N9    HN91   sing N N 94  
DA6 N9    HN92   sing N N 95  
DA6 N9    HN93   sing N N 96  
DA6 N10   C12    doub Y N 97  
DA6 N10   C14    sing Y N 98  
DA6 N10   H10    sing N N 99  
DA6 C11   C12    sing Y N 100 
DA6 C13   C14    doub Y N 101 
DA6 CD1   OD1    doub N N 102 
DA6 CD1   ND1    sing N N 103 
DA6 ND1   CD2    sing N N 104 
DA6 ND1   HND1   sing N N 105 
DA6 CD2   CD3    sing N N 106 
DA6 CD2   HD21   sing N N 107 
DA6 CD2   HD22   sing N N 108 
DA6 CD3   ND2    sing N N 109 
DA6 CD3   HD31   sing N N 110 
DA6 CD3   HD32   sing N N 111 
DA6 ND2   CD7    sing N N 112 
DA6 ND2   CD8    sing N N 113 
DA6 CD7   HD71   sing N N 114 
DA6 CD7   HD72   sing N N 115 
DA6 CD7   HD73   sing N N 116 
DA6 CD8   HD81   sing N N 117 
DA6 CD8   HD82   sing N N 118 
DA6 CD8   HD83   sing N N 119 
DC  OP3   P      sing N N 120 
DC  OP3   HOP3   sing N N 121 
DC  P     OP1    doub N N 122 
DC  P     OP2    sing N N 123 
DC  P     "O5'"  sing N N 124 
DC  OP2   HOP2   sing N N 125 
DC  "O5'" "C5'"  sing N N 126 
DC  "C5'" "C4'"  sing N N 127 
DC  "C5'" "H5'"  sing N N 128 
DC  "C5'" "H5''" sing N N 129 
DC  "C4'" "O4'"  sing N N 130 
DC  "C4'" "C3'"  sing N N 131 
DC  "C4'" "H4'"  sing N N 132 
DC  "O4'" "C1'"  sing N N 133 
DC  "C3'" "O3'"  sing N N 134 
DC  "C3'" "C2'"  sing N N 135 
DC  "C3'" "H3'"  sing N N 136 
DC  "O3'" "HO3'" sing N N 137 
DC  "C2'" "C1'"  sing N N 138 
DC  "C2'" "H2'"  sing N N 139 
DC  "C2'" "H2''" sing N N 140 
DC  "C1'" N1     sing N N 141 
DC  "C1'" "H1'"  sing N N 142 
DC  N1    C2     sing N N 143 
DC  N1    C6     sing N N 144 
DC  C2    O2     doub N N 145 
DC  C2    N3     sing N N 146 
DC  N3    C4     doub N N 147 
DC  C4    N4     sing N N 148 
DC  C4    C5     sing N N 149 
DC  N4    H41    sing N N 150 
DC  N4    H42    sing N N 151 
DC  C5    C6     doub N N 152 
DC  C5    H5     sing N N 153 
DC  C6    H6     sing N N 154 
DG  OP3   P      sing N N 155 
DG  OP3   HOP3   sing N N 156 
DG  P     OP1    doub N N 157 
DG  P     OP2    sing N N 158 
DG  P     "O5'"  sing N N 159 
DG  OP2   HOP2   sing N N 160 
DG  "O5'" "C5'"  sing N N 161 
DG  "C5'" "C4'"  sing N N 162 
DG  "C5'" "H5'"  sing N N 163 
DG  "C5'" "H5''" sing N N 164 
DG  "C4'" "O4'"  sing N N 165 
DG  "C4'" "C3'"  sing N N 166 
DG  "C4'" "H4'"  sing N N 167 
DG  "O4'" "C1'"  sing N N 168 
DG  "C3'" "O3'"  sing N N 169 
DG  "C3'" "C2'"  sing N N 170 
DG  "C3'" "H3'"  sing N N 171 
DG  "O3'" "HO3'" sing N N 172 
DG  "C2'" "C1'"  sing N N 173 
DG  "C2'" "H2'"  sing N N 174 
DG  "C2'" "H2''" sing N N 175 
DG  "C1'" N9     sing N N 176 
DG  "C1'" "H1'"  sing N N 177 
DG  N9    C8     sing Y N 178 
DG  N9    C4     sing Y N 179 
DG  C8    N7     doub Y N 180 
DG  C8    H8     sing N N 181 
DG  N7    C5     sing Y N 182 
DG  C5    C6     sing N N 183 
DG  C5    C4     doub Y N 184 
DG  C6    O6     doub N N 185 
DG  C6    N1     sing N N 186 
DG  N1    C2     sing N N 187 
DG  N1    H1     sing N N 188 
DG  C2    N2     sing N N 189 
DG  C2    N3     doub N N 190 
DG  N2    H21    sing N N 191 
DG  N2    H22    sing N N 192 
DG  N3    C4     sing N N 193 
HOH O     H1     sing N N 194 
HOH O     H2     sing N N 195 
# 
_ndb_struct_conf_na.entry_id   366D 
_ndb_struct_conf_na.feature    'b-form double helix' 
# 
loop_
_ndb_struct_na_base_pair.model_number 
_ndb_struct_na_base_pair.i_label_asym_id 
_ndb_struct_na_base_pair.i_label_comp_id 
_ndb_struct_na_base_pair.i_label_seq_id 
_ndb_struct_na_base_pair.i_symmetry 
_ndb_struct_na_base_pair.j_label_asym_id 
_ndb_struct_na_base_pair.j_label_comp_id 
_ndb_struct_na_base_pair.j_label_seq_id 
_ndb_struct_na_base_pair.j_symmetry 
_ndb_struct_na_base_pair.shear 
_ndb_struct_na_base_pair.stretch 
_ndb_struct_na_base_pair.stagger 
_ndb_struct_na_base_pair.buckle 
_ndb_struct_na_base_pair.propeller 
_ndb_struct_na_base_pair.opening 
_ndb_struct_na_base_pair.pair_number 
_ndb_struct_na_base_pair.pair_name 
_ndb_struct_na_base_pair.i_auth_asym_id 
_ndb_struct_na_base_pair.i_auth_seq_id 
_ndb_struct_na_base_pair.i_PDB_ins_code 
_ndb_struct_na_base_pair.j_auth_asym_id 
_ndb_struct_na_base_pair.j_auth_seq_id 
_ndb_struct_na_base_pair.j_PDB_ins_code 
_ndb_struct_na_base_pair.hbond_type_28 
_ndb_struct_na_base_pair.hbond_type_12 
1 A DC  1 1_555 A DG  6 4_655 0.121  -0.193 0.276  1.172  -11.502 -1.970 1 A_DC1001:DG1006_A  A 1001 ? A 1006 ? 19 1 
1 A DG  2 1_555 A DC  5 4_655 -0.199 -0.122 0.062  -5.688 -5.267  -0.997 2 A_DG1002:DC1005_A  A 1002 ? A 1005 ? 19 1 
1 A BRU 3 1_555 A DA  4 4_655 0.162  -0.096 -0.065 3.068  -7.240  0.926  3 A_BRU1003:DA1004_A A 1003 ? A 1004 ? 20 1 
1 A DA  4 1_555 A BRU 3 4_655 -0.162 -0.096 -0.065 -3.068 -7.240  0.926  4 A_DA1004:BRU1003_A A 1004 ? A 1003 ? 20 1 
1 A DC  5 1_555 A DG  2 4_655 0.199  -0.122 0.062  5.688  -5.266  -0.997 5 A_DC1005:DG1002_A  A 1005 ? A 1002 ? 19 1 
1 A DG  6 1_555 A DC  1 4_655 -0.121 -0.193 0.276  -1.172 -11.502 -1.970 6 A_DG1006:DC1001_A  A 1006 ? A 1001 ? 19 1 
# 
loop_
_ndb_struct_na_base_pair_step.model_number 
_ndb_struct_na_base_pair_step.i_label_asym_id_1 
_ndb_struct_na_base_pair_step.i_label_comp_id_1 
_ndb_struct_na_base_pair_step.i_label_seq_id_1 
_ndb_struct_na_base_pair_step.i_symmetry_1 
_ndb_struct_na_base_pair_step.j_label_asym_id_1 
_ndb_struct_na_base_pair_step.j_label_comp_id_1 
_ndb_struct_na_base_pair_step.j_label_seq_id_1 
_ndb_struct_na_base_pair_step.j_symmetry_1 
_ndb_struct_na_base_pair_step.i_label_asym_id_2 
_ndb_struct_na_base_pair_step.i_label_comp_id_2 
_ndb_struct_na_base_pair_step.i_label_seq_id_2 
_ndb_struct_na_base_pair_step.i_symmetry_2 
_ndb_struct_na_base_pair_step.j_label_asym_id_2 
_ndb_struct_na_base_pair_step.j_label_comp_id_2 
_ndb_struct_na_base_pair_step.j_label_seq_id_2 
_ndb_struct_na_base_pair_step.j_symmetry_2 
_ndb_struct_na_base_pair_step.shift 
_ndb_struct_na_base_pair_step.slide 
_ndb_struct_na_base_pair_step.rise 
_ndb_struct_na_base_pair_step.tilt 
_ndb_struct_na_base_pair_step.roll 
_ndb_struct_na_base_pair_step.twist 
_ndb_struct_na_base_pair_step.x_displacement 
_ndb_struct_na_base_pair_step.y_displacement 
_ndb_struct_na_base_pair_step.helical_rise 
_ndb_struct_na_base_pair_step.inclination 
_ndb_struct_na_base_pair_step.tip 
_ndb_struct_na_base_pair_step.helical_twist 
_ndb_struct_na_base_pair_step.step_number 
_ndb_struct_na_base_pair_step.step_name 
_ndb_struct_na_base_pair_step.i_auth_asym_id_1 
_ndb_struct_na_base_pair_step.i_auth_seq_id_1 
_ndb_struct_na_base_pair_step.i_PDB_ins_code_1 
_ndb_struct_na_base_pair_step.j_auth_asym_id_1 
_ndb_struct_na_base_pair_step.j_auth_seq_id_1 
_ndb_struct_na_base_pair_step.j_PDB_ins_code_1 
_ndb_struct_na_base_pair_step.i_auth_asym_id_2 
_ndb_struct_na_base_pair_step.i_auth_seq_id_2 
_ndb_struct_na_base_pair_step.i_PDB_ins_code_2 
_ndb_struct_na_base_pair_step.j_auth_asym_id_2 
_ndb_struct_na_base_pair_step.j_auth_seq_id_2 
_ndb_struct_na_base_pair_step.j_PDB_ins_code_2 
1 A DC  1 1_555 A DG  6 4_655 A DG  2 1_555 A DC  5 4_655 0.170  0.434 6.807 1.756  2.754  23.480 -0.849 0.802  6.807 6.725  
-4.288 23.703 1 AA_DC1001DG1002:DC1005DG1006_AA   A 1001 ? A 1006 ? A 1002 ? A 1005 ? 
1 A DG  2 1_555 A DC  5 4_655 A BRU 3 1_555 A DA  4 4_655 -0.462 0.083 3.144 0.526  3.623  30.083 -0.543 0.985  3.124 6.947  
-1.008 30.300 2 AA_DG1002BRU1003:DA1004DC1005_AA  A 1002 ? A 1005 ? A 1003 ? A 1004 ? 
1 A BRU 3 1_555 A DA  4 4_655 A DA  4 1_555 A BRU 3 4_655 0.000  1.678 3.296 0.000  -3.997 44.966 2.539  0.000  3.144 -5.213 0.000 
45.134 3 AA_BRU1003DA1004:BRU1003DA1004_AA A 1003 ? A 1004 ? A 1004 ? A 1003 ? 
1 A DA  4 1_555 A BRU 3 4_655 A DC  5 1_555 A DG  2 4_655 0.462  0.083 3.144 -0.526 3.623  30.083 -0.543 -0.985 3.124 6.947  1.008 
30.300 4 AA_DA1004DC1005:DG1002BRU1003_AA  A 1004 ? A 1003 ? A 1005 ? A 1002 ? 
1 A DC  5 1_555 A DG  2 4_655 A DG  6 1_555 A DC  1 4_655 -0.170 0.434 6.807 -1.756 2.753  23.480 -0.849 -0.802 6.807 6.724  4.288 
23.703 5 AA_DC1005DG1006:DC1001DG1002_AA   A 1005 ? A 1002 ? A 1006 ? A 1001 ? 
# 
_atom_sites.entry_id                    366D 
_atom_sites.fract_transf_matrix[1][1]   0.02883523 
_atom_sites.fract_transf_matrix[1][2]   -0.00092736 
_atom_sites.fract_transf_matrix[1][3]   0.02526632 
_atom_sites.fract_transf_matrix[2][1]   0.02997044 
_atom_sites.fract_transf_matrix[2][2]   -0.02317342 
_atom_sites.fract_transf_matrix[2][3]   -0.00595071 
_atom_sites.fract_transf_matrix[3][1]   0.01173005 
_atom_sites.fract_transf_matrix[3][2]   0.01843449 
_atom_sites.fract_transf_matrix[3][3]   -0.01271033 
_atom_sites.fract_transf_vector[1]      0.357987 
_atom_sites.fract_transf_vector[2]      -0.025246 
_atom_sites.fract_transf_vector[3]      0.476580 
# 
loop_
_atom_type.symbol 
BR 
C  
H  
N  
O  
P  
# 
loop_
_atom_site.group_PDB 
_atom_site.id 
_atom_site.type_symbol 
_atom_site.label_atom_id 
_atom_site.label_alt_id 
_atom_site.label_comp_id 
_atom_site.label_asym_id 
_atom_site.label_entity_id 
_atom_site.label_seq_id 
_atom_site.pdbx_PDB_ins_code 
_atom_site.Cartn_x 
_atom_site.Cartn_y 
_atom_site.Cartn_z 
_atom_site.occupancy 
_atom_site.B_iso_or_equiv 
_atom_site.pdbx_formal_charge 
_atom_site.auth_seq_id 
_atom_site.auth_comp_id 
_atom_site.auth_asym_id 
_atom_site.auth_atom_id 
_atom_site.pdbx_PDB_model_num 
ATOM   1   O  "O5'"  . DC  A 1 1 ? 16.472  2.218  1.825  1.00 17.15 ? 1001 DC  A "O5'"  1 
ATOM   2   C  "C5'"  . DC  A 1 1 ? 16.974  1.486  0.730  1.00 16.49 ? 1001 DC  A "C5'"  1 
ATOM   3   C  "C4'"  . DC  A 1 1 ? 16.257  0.171  0.665  1.00 17.23 ? 1001 DC  A "C4'"  1 
ATOM   4   O  "O4'"  . DC  A 1 1 ? 16.267  -0.555 1.933  1.00 16.44 ? 1001 DC  A "O4'"  1 
ATOM   5   C  "C3'"  . DC  A 1 1 ? 14.772  0.222  0.330  1.00 17.12 ? 1001 DC  A "C3'"  1 
ATOM   6   O  "O3'"  . DC  A 1 1 ? 14.786  0.254  -1.115 1.00 16.33 ? 1001 DC  A "O3'"  1 
ATOM   7   C  "C2'"  . DC  A 1 1 ? 14.222  -1.072 0.886  1.00 16.49 ? 1001 DC  A "C2'"  1 
ATOM   8   C  "C1'"  . DC  A 1 1 ? 15.005  -1.275 2.101  1.00 16.41 ? 1001 DC  A "C1'"  1 
ATOM   9   N  N1     . DC  A 1 1 ? 14.525  -0.906 3.475  1.00 13.80 ? 1001 DC  A N1     1 
ATOM   10  C  C2     . DC  A 1 1 ? 13.895  -1.873 4.276  1.00 12.59 ? 1001 DC  A C2     1 
ATOM   11  O  O2     . DC  A 1 1 ? 13.745  -3.047 3.842  1.00 15.74 ? 1001 DC  A O2     1 
ATOM   12  N  N3     . DC  A 1 1 ? 13.502  -1.450 5.520  1.00 14.28 ? 1001 DC  A N3     1 
ATOM   13  C  C4     . DC  A 1 1 ? 13.682  -0.228 5.930  1.00 14.95 ? 1001 DC  A C4     1 
ATOM   14  N  N4     . DC  A 1 1 ? 13.245  0.132  7.186  1.00 14.48 ? 1001 DC  A N4     1 
ATOM   15  C  C5     . DC  A 1 1 ? 14.287  0.780  5.167  1.00 14.44 ? 1001 DC  A C5     1 
ATOM   16  C  C6     . DC  A 1 1 ? 14.693  0.381  3.940  1.00 15.81 ? 1001 DC  A C6     1 
ATOM   17  H  "H5'"  . DC  A 1 1 ? 17.927  1.338  0.838  1.00 19.79 ? 1001 DC  A "H5'"  1 
ATOM   18  H  "H5''" . DC  A 1 1 ? 16.834  1.981  -0.092 1.00 19.79 ? 1001 DC  A "H5''" 1 
ATOM   19  H  "H4'"  . DC  A 1 1 ? 16.702  -0.385 -0.007 1.00 20.67 ? 1001 DC  A "H4'"  1 
ATOM   20  H  "H3'"  . DC  A 1 1 ? 14.331  1.008  0.715  1.00 20.54 ? 1001 DC  A "H3'"  1 
ATOM   21  H  "H2'"  . DC  A 1 1 ? 13.277  -0.992 1.089  1.00 19.78 ? 1001 DC  A "H2'"  1 
ATOM   22  H  "H2''" . DC  A 1 1 ? 14.351  -1.803 0.262  1.00 19.78 ? 1001 DC  A "H2''" 1 
ATOM   23  H  "H1'"  . DC  A 1 1 ? 15.230  -2.229 2.131  1.00 19.69 ? 1001 DC  A "H1'"  1 
ATOM   24  H  H41    . DC  A 1 1 ? 12.859  -0.447 7.689  1.00 17.38 ? 1001 DC  A H41    1 
ATOM   25  H  H42    . DC  A 1 1 ? 13.359  0.938  7.465  1.00 17.38 ? 1001 DC  A H42    1 
ATOM   26  H  H5     . DC  A 1 1 ? 14.399  1.650  5.478  1.00 17.32 ? 1001 DC  A H5     1 
ATOM   27  H  H6     . DC  A 1 1 ? 15.106  1.004  3.385  1.00 18.98 ? 1001 DC  A H6     1 
ATOM   28  H  "HO5'" . DC  A 1 1 ? 15.679  2.389  1.699  1.00 25.72 ? 1001 DC  A "HO5'" 1 
ATOM   29  P  P      . DG  A 1 2 ? 13.572  0.944  -1.915 1.00 19.34 ? 1002 DG  A P      1 
ATOM   30  O  OP1    . DG  A 1 2 ? 13.981  0.930  -3.426 1.00 20.48 ? 1002 DG  A OP1    1 
ATOM   31  O  OP2    . DG  A 1 2 ? 13.162  2.209  -1.204 1.00 22.15 ? 1002 DG  A OP2    1 
ATOM   32  O  "O5'"  . DG  A 1 2 ? 12.427  -0.158 -1.664 1.00 19.70 ? 1002 DG  A "O5'"  1 
ATOM   33  C  "C5'"  . DG  A 1 2 ? 11.229  -0.039 -2.379 1.00 20.95 ? 1002 DG  A "C5'"  1 
ATOM   34  C  "C4'"  . DG  A 1 2 ? 10.314  -1.250 -2.110 1.00 20.68 ? 1002 DG  A "C4'"  1 
ATOM   35  O  "O4'"  . DG  A 1 2 ? 9.871   -1.278 -0.723 1.00 22.58 ? 1002 DG  A "O4'"  1 
ATOM   36  C  "C3'"  . DG  A 1 2 ? 9.026   -1.233 -2.928 1.00 23.83 ? 1002 DG  A "C3'"  1 
ATOM   37  O  "O3'"  . DG  A 1 2 ? 8.701   -2.640 -3.125 1.00 22.44 ? 1002 DG  A "O3'"  1 
ATOM   38  C  "C2'"  . DG  A 1 2 ? 8.027   -0.509 -2.012 1.00 24.70 ? 1002 DG  A "C2'"  1 
ATOM   39  C  "C1'"  . DG  A 1 2 ? 8.382   -1.024 -0.662 1.00 22.43 ? 1002 DG  A "C1'"  1 
ATOM   40  N  N9     . DG  A 1 2 ? 8.278   -0.095 0.565  1.00 18.34 ? 1002 DG  A N9     1 
ATOM   41  C  C8     . DG  A 1 2 ? 8.712   1.161  0.690  1.00 20.57 ? 1002 DG  A C8     1 
ATOM   42  N  N7     . DG  A 1 2 ? 8.490   1.716  1.853  1.00 18.04 ? 1002 DG  A N7     1 
ATOM   43  C  C5     . DG  A 1 2 ? 7.842   0.726  2.572  1.00 15.87 ? 1002 DG  A C5     1 
ATOM   44  C  C6     . DG  A 1 2 ? 7.365   0.784  3.914  1.00 15.88 ? 1002 DG  A C6     1 
ATOM   45  O  O6     . DG  A 1 2 ? 7.441   1.753  4.705  1.00 17.12 ? 1002 DG  A O6     1 
ATOM   46  N  N1     . DG  A 1 2 ? 6.775   -0.434 4.251  1.00 14.13 ? 1002 DG  A N1     1 
ATOM   47  C  C2     . DG  A 1 2 ? 6.675   -1.519 3.406  1.00 13.82 ? 1002 DG  A C2     1 
ATOM   48  N  N2     . DG  A 1 2 ? 6.084   -2.579 3.903  1.00 14.82 ? 1002 DG  A N2     1 
ATOM   49  N  N3     . DG  A 1 2 ? 7.127   -1.541 2.169  1.00 15.75 ? 1002 DG  A N3     1 
ATOM   50  C  C4     . DG  A 1 2 ? 7.703   -0.379 1.806  1.00 15.08 ? 1002 DG  A C4     1 
ATOM   51  H  "H5'"  . DG  A 1 2 ? 11.421  0.018  -3.328 1.00 25.15 ? 1002 DG  A "H5'"  1 
ATOM   52  H  "H5''" . DG  A 1 2 ? 10.773  0.776  -2.115 1.00 25.15 ? 1002 DG  A "H5''" 1 
ATOM   53  H  "H4'"  . DG  A 1 2 ? 10.807  -2.075 -2.306 1.00 24.81 ? 1002 DG  A "H4'"  1 
ATOM   54  H  "H3'"  . DG  A 1 2 ? 9.142   -0.764 -3.781 1.00 28.60 ? 1002 DG  A "H3'"  1 
ATOM   55  H  "H2'"  . DG  A 1 2 ? 8.141   0.452  -2.060 1.00 29.64 ? 1002 DG  A "H2'"  1 
ATOM   56  H  "H2''" . DG  A 1 2 ? 7.112   -0.734 -2.244 1.00 29.64 ? 1002 DG  A "H2''" 1 
ATOM   57  H  "H1'"  . DG  A 1 2 ? 7.906   -1.863 -0.489 1.00 26.91 ? 1002 DG  A "H1'"  1 
ATOM   58  H  H8     . DG  A 1 2 ? 9.142   1.610  -0.002 1.00 24.69 ? 1002 DG  A H8     1 
ATOM   59  H  H1     . DG  A 1 2 ? 6.448   -0.514 5.044  1.00 16.95 ? 1002 DG  A H1     1 
ATOM   60  H  H21    . DG  A 1 2 ? 5.991   -3.287 3.423  1.00 17.78 ? 1002 DG  A H21    1 
ATOM   61  H  H22    . DG  A 1 2 ? 5.788   -2.568 4.711  1.00 17.78 ? 1002 DG  A H22    1 
HETATM 62  N  N1     A BRU A 1 3 ? 3.946   -1.212 -0.026 0.61 18.79 ? 1003 BRU A N1     1 
HETATM 63  N  N1     B BRU A 1 3 ? 3.924   -2.362 0.340  0.39 17.81 ? 1003 BRU A N1     1 
HETATM 64  C  C2     A BRU A 1 3 ? 3.718   -0.972 1.338  0.61 14.71 ? 1003 BRU A C2     1 
HETATM 65  C  C2     B BRU A 1 3 ? 3.628   -2.014 1.675  0.39 14.50 ? 1003 BRU A C2     1 
HETATM 66  N  N3     A BRU A 1 3 ? 4.088   0.204  1.831  0.61 15.50 ? 1003 BRU A N3     1 
HETATM 67  N  N3     B BRU A 1 3 ? 3.830   -0.696 2.023  0.39 15.66 ? 1003 BRU A N3     1 
HETATM 68  C  C4     A BRU A 1 3 ? 4.697   1.294  1.202  0.61 16.83 ? 1003 BRU A C4     1 
HETATM 69  C  C4     B BRU A 1 3 ? 4.282   0.353  1.254  0.39 15.15 ? 1003 BRU A C4     1 
HETATM 70  C  C5     A BRU A 1 3 ? 4.873   0.943  -0.135 0.61 19.42 ? 1003 BRU A C5     1 
HETATM 71  C  C5     B BRU A 1 3 ? 4.541   -0.106 -0.042 0.39 19.01 ? 1003 BRU A C5     1 
HETATM 72  C  C6     A BRU A 1 3 ? 4.559   -0.166 -0.740 0.61 20.12 ? 1003 BRU A C6     1 
HETATM 73  C  C6     B BRU A 1 3 ? 4.390   -1.318 -0.477 0.39 18.10 ? 1003 BRU A C6     1 
HETATM 74  O  O2     A BRU A 1 3 ? 3.185   -1.819 2.065  0.61 14.95 ? 1003 BRU A O2     1 
HETATM 75  O  O2     B BRU A 1 3 ? 3.209   -2.758 2.573  0.39 17.41 ? 1003 BRU A O2     1 
HETATM 76  O  O4     A BRU A 1 3 ? 4.943   2.277  1.868  0.61 15.68 ? 1003 BRU A O4     1 
HETATM 77  O  O4     B BRU A 1 3 ? 4.411   1.494  1.707  0.39 18.04 ? 1003 BRU A O4     1 
HETATM 78  BR BR     A BRU A 1 3 ? 5.644   2.329  -1.209 0.61 30.32 ? 1003 BRU A BR     1 
HETATM 79  BR BR     B BRU A 1 3 ? 4.826   1.280  -1.330 0.39 18.39 ? 1003 BRU A BR     1 
HETATM 80  C  "C1'"  A BRU A 1 3 ? 3.640   -2.345 -0.689 0.61 21.71 ? 1003 BRU A "C1'"  1 
HETATM 81  C  "C1'"  B BRU A 1 3 ? 3.813   -3.578 -0.234 0.39 20.24 ? 1003 BRU A "C1'"  1 
HETATM 82  C  "C2'"  A BRU A 1 3 ? 3.460   -2.521 -2.172 0.61 22.41 ? 1003 BRU A "C2'"  1 
HETATM 83  C  "C2'"  B BRU A 1 3 ? 3.317   -3.829 -1.642 0.39 22.06 ? 1003 BRU A "C2'"  1 
HETATM 84  C  "C3'"  A BRU A 1 3 ? 3.811   -3.976 -2.336 0.61 23.66 ? 1003 BRU A "C3'"  1 
HETATM 85  C  "C3'"  B BRU A 1 3 ? 4.074   -5.082 -2.027 0.39 23.40 ? 1003 BRU A "C3'"  1 
HETATM 86  C  "C4'"  A BRU A 1 3 ? 5.032   -4.108 -1.418 0.61 20.66 ? 1003 BRU A "C4'"  1 
HETATM 87  C  "C4'"  B BRU A 1 3 ? 5.396   -4.956 -1.294 0.39 22.35 ? 1003 BRU A "C4'"  1 
HETATM 88  O  "O3'"  A BRU A 1 3 ? 2.875   -4.880 -1.689 0.61 27.34 ? 1003 BRU A "O3'"  1 
HETATM 89  O  "O3'"  B BRU A 1 3 ? 3.416   -6.261 -1.542 0.39 27.61 ? 1003 BRU A "O3'"  1 
HETATM 90  O  "O4'"  A BRU A 1 3 ? 5.004   -2.940 -0.529 0.61 19.73 ? 1003 BRU A "O4'"  1 
HETATM 91  O  "O4'"  B BRU A 1 3 ? 5.272   -3.793 -0.407 0.39 19.47 ? 1003 BRU A "O4'"  1 
HETATM 92  C  "C5'"  A BRU A 1 3 ? 6.344   -4.108 -2.185 0.61 22.09 ? 1003 BRU A "C5'"  1 
HETATM 93  C  "C5'"  B BRU A 1 3 ? 6.584   -4.727 -2.217 0.39 20.73 ? 1003 BRU A "C5'"  1 
HETATM 94  O  "O5'"  A BRU A 1 3 ? 6.294   -3.116 -3.150 0.61 23.87 ? 1003 BRU A "O5'"  1 
HETATM 95  O  "O5'"  B BRU A 1 3 ? 6.361   -3.573 -2.936 0.39 21.51 ? 1003 BRU A "O5'"  1 
HETATM 96  P  P      A BRU A 1 3 ? 7.533   -3.052 -4.197 0.61 27.38 ? 1003 BRU A P      1 
HETATM 97  P  P      B BRU A 1 3 ? 7.352   -2.964 -3.987 0.39 25.95 ? 1003 BRU A P      1 
HETATM 98  O  OP1    A BRU A 1 3 ? 7.811   -4.552 -4.512 0.61 33.92 ? 1003 BRU A OP1    1 
HETATM 99  O  OP1    B BRU A 1 3 ? 7.728   -4.103 -4.963 0.39 31.36 ? 1003 BRU A OP1    1 
HETATM 100 O  OP2    A BRU A 1 3 ? 7.246   -1.787 -5.037 0.61 34.41 ? 1003 BRU A OP2    1 
HETATM 101 O  OP2    B BRU A 1 3 ? 6.773   -1.524 -4.301 0.39 23.59 ? 1003 BRU A OP2    1 
HETATM 102 H  HN3    A BRU A 1 3 ? 3.929   0.313  2.669  0.61 18.60 ? 1003 BRU A HN3    1 
HETATM 103 H  HN3    B BRU A 1 3 ? 3.647   -0.500 2.841  0.61 18.79 ? 1003 BRU A HN3    1 
HETATM 104 H  H6     A BRU A 1 3 ? 4.740   -0.267 -1.645 0.61 24.15 ? 1003 BRU A H6     1 
HETATM 105 H  H6     B BRU A 1 3 ? 4.599   -1.503 -1.363 0.61 21.73 ? 1003 BRU A H6     1 
HETATM 106 H  "H1'"  A BRU A 1 3 ? 2.974   -2.866 -0.194 0.61 26.06 ? 1003 BRU A "H1'"  1 
HETATM 107 H  "H1'"  B BRU A 1 3 ? 3.433   -4.229 0.394  0.61 24.29 ? 1003 BRU A "H1'"  1 
HETATM 108 H  "H2'"  A BRU A 1 3 ? 4.062   -1.950 -2.674 0.61 26.89 ? 1003 BRU A "H2'"  1 
HETATM 109 H  "H2'"  B BRU A 1 3 ? 3.537   -3.090 -2.230 0.61 26.47 ? 1003 BRU A "H2'"  1 
HETATM 110 H  "H2''" A BRU A 1 3 ? 2.547   -2.343 -2.444 0.61 26.89 ? 1003 BRU A "H2''" 1 
HETATM 111 H  "H2''" B BRU A 1 3 ? 2.359   -3.976 -1.658 0.61 26.47 ? 1003 BRU A "H2''" 1 
HETATM 112 H  "H3'"  A BRU A 1 3 ? 4.002   -4.221 -3.265 0.61 28.39 ? 1003 BRU A "H3'"  1 
HETATM 113 H  "H3'"  B BRU A 1 3 ? 4.211   -5.128 -2.997 0.61 28.08 ? 1003 BRU A "H3'"  1 
HETATM 114 H  "H4'"  A BRU A 1 3 ? 4.960   -4.929 -0.888 0.61 24.79 ? 1003 BRU A "H4'"  1 
HETATM 115 H  "H4'"  B BRU A 1 3 ? 5.549   -5.761 -0.757 0.61 26.82 ? 1003 BRU A "H4'"  1 
HETATM 116 H  "H5'"  A BRU A 1 3 ? 7.082   -3.944 -1.577 0.61 26.51 ? 1003 BRU A "H5'"  1 
HETATM 117 H  "H5'"  B BRU A 1 3 ? 7.398   -4.643 -1.697 0.61 24.88 ? 1003 BRU A "H5'"  1 
HETATM 118 H  "H5''" A BRU A 1 3 ? 6.482   -4.972 -2.605 0.61 26.51 ? 1003 BRU A "H5''" 1 
HETATM 119 H  "H5''" B BRU A 1 3 ? 6.685   -5.480 -2.821 0.61 24.88 ? 1003 BRU A "H5''" 1 
ATOM   120 P  P      A DA  A 1 4 ? 1.795   -5.585 -2.640 0.61 29.52 ? 1004 DA  A P      1 
ATOM   121 P  P      B DA  A 1 4 ? 2.200   -6.781 -2.438 0.39 28.63 ? 1004 DA  A P      1 
ATOM   122 O  OP1    A DA  A 1 4 ? 2.580   -6.813 -3.305 0.61 34.10 ? 1004 DA  A OP1    1 
ATOM   123 O  OP1    B DA  A 1 4 ? 2.202   -8.305 -2.405 0.39 31.50 ? 1004 DA  A OP1    1 
ATOM   124 O  OP2    A DA  A 1 4 ? 1.150   -4.683 -3.578 0.61 30.31 ? 1004 DA  A OP2    1 
ATOM   125 O  OP2    B DA  A 1 4 ? 2.066   -5.712 -3.624 0.39 33.01 ? 1004 DA  A OP2    1 
ATOM   126 O  "O5'"  . DA  A 1 4 ? 0.901   -6.300 -1.551 1.00 28.70 ? 1004 DA  A "O5'"  1 
ATOM   127 C  "C5'"  . DA  A 1 4 ? 1.276   -6.681 -0.277 1.00 27.13 ? 1004 DA  A "C5'"  1 
ATOM   128 C  "C4'"  . DA  A 1 4 ? 0.181   -6.332 0.712  1.00 20.61 ? 1004 DA  A "C4'"  1 
ATOM   129 O  "O4'"  . DA  A 1 4 ? 0.386   -4.962 1.098  1.00 19.82 ? 1004 DA  A "O4'"  1 
ATOM   130 C  "C3'"  . DA  A 1 4 ? -1.273  -6.414 0.265  1.00 16.73 ? 1004 DA  A "C3'"  1 
ATOM   131 O  "O3'"  . DA  A 1 4 ? -1.979  -7.025 1.377  1.00 16.18 ? 1004 DA  A "O3'"  1 
ATOM   132 C  "C2'"  . DA  A 1 4 ? -1.698  -4.965 0.043  1.00 16.69 ? 1004 DA  A "C2'"  1 
ATOM   133 C  "C1'"  . DA  A 1 4 ? -0.851  -4.179 0.968  1.00 15.51 ? 1004 DA  A "C1'"  1 
ATOM   134 N  N9     . DA  A 1 4 ? -0.331  -2.949 0.491  1.00 14.45 ? 1004 DA  A N9     1 
ATOM   135 C  C8     . DA  A 1 4 ? 0.024   -2.630 -0.755 1.00 15.94 ? 1004 DA  A C8     1 
ATOM   136 N  N7     . DA  A 1 4 ? 0.484   -1.379 -0.880 1.00 17.02 ? 1004 DA  A N7     1 
ATOM   137 C  C5     . DA  A 1 4 ? 0.410   -0.845 0.423  1.00 14.62 ? 1004 DA  A C5     1 
ATOM   138 C  C6     . DA  A 1 4 ? 0.751   0.405  0.912  1.00 16.31 ? 1004 DA  A C6     1 
ATOM   139 N  N6     . DA  A 1 4 ? 1.247   1.413  0.172  1.00 18.61 ? 1004 DA  A N6     1 
ATOM   140 N  N1     . DA  A 1 4 ? 0.555   0.604  2.252  1.00 16.88 ? 1004 DA  A N1     1 
ATOM   141 C  C2     . DA  A 1 4 ? 0.055   -0.413 2.997  1.00 16.41 ? 1004 DA  A C2     1 
ATOM   142 N  N3     . DA  A 1 4 ? -0.290  -1.632 2.586  1.00 15.51 ? 1004 DA  A N3     1 
ATOM   143 C  C4     . DA  A 1 4 ? -0.095  -1.822 1.267  1.00 14.06 ? 1004 DA  A C4     1 
ATOM   144 H  "H5'"  . DA  A 1 4 ? 2.097   -6.229 -0.029 1.00 32.56 ? 1004 DA  A "H5'"  1 
ATOM   145 H  "H5''" . DA  A 1 4 ? 1.440   -7.637 -0.258 1.00 32.56 ? 1004 DA  A "H5''" 1 
ATOM   146 H  "H4'"  . DA  A 1 4 ? 0.292   -6.896 1.506  1.00 24.73 ? 1004 DA  A "H4'"  1 
ATOM   147 H  "H3'"  . DA  A 1 4 ? -1.367  -6.944 -0.554 1.00 20.08 ? 1004 DA  A "H3'"  1 
ATOM   148 H  "H2'"  . DA  A 1 4 ? -1.544  -4.698 -0.877 1.00 20.03 ? 1004 DA  A "H2'"  1 
ATOM   149 H  "H2''" . DA  A 1 4 ? -2.638  -4.846 0.251  1.00 20.03 ? 1004 DA  A "H2''" 1 
ATOM   150 H  "H1'"  . DA  A 1 4 ? -1.290  -4.065 1.837  1.00 18.61 ? 1004 DA  A "H1'"  1 
ATOM   151 H  H8     . DA  A 1 4 ? -0.041  -3.222 -1.468 1.00 19.12 ? 1004 DA  A H8     1 
ATOM   152 H  H61    . DA  A 1 4 ? 1.435   2.165  0.542  1.00 22.33 ? 1004 DA  A H61    1 
ATOM   153 H  H62    . DA  A 1 4 ? 1.377   1.303  -0.671 1.00 22.33 ? 1004 DA  A H62    1 
ATOM   154 P  P      . DC  A 1 5 ? -3.589  -7.270 1.348  1.00 15.60 ? 1005 DC  A P      1 
ATOM   155 O  OP1    . DC  A 1 5 ? -3.861  -8.413 2.277  1.00 16.89 ? 1005 DC  A OP1    1 
ATOM   156 O  OP2    . DC  A 1 5 ? -4.054  -7.337 -0.080 1.00 19.66 ? 1005 DC  A OP2    1 
ATOM   157 O  "O5'"  . DC  A 1 5 ? -4.183  -5.918 1.902  1.00 15.67 ? 1005 DC  A "O5'"  1 
ATOM   158 C  "C5'"  . DC  A 1 5 ? -3.903  -5.576 3.245  1.00 16.45 ? 1005 DC  A "C5'"  1 
ATOM   159 C  "C4'"  . DC  A 1 5 ? -4.536  -4.212 3.534  1.00 14.75 ? 1005 DC  A "C4'"  1 
ATOM   160 O  "O4'"  . DC  A 1 5 ? -3.758  -3.224 2.802  1.00 14.62 ? 1005 DC  A "O4'"  1 
ATOM   161 C  "C3'"  . DC  A 1 5 ? -5.967  -4.075 3.007  1.00 15.25 ? 1005 DC  A "C3'"  1 
ATOM   162 O  "O3'"  . DC  A 1 5 ? -6.704  -3.534 4.106  1.00 16.33 ? 1005 DC  A "O3'"  1 
ATOM   163 C  "C2'"  . DC  A 1 5 ? -5.818  -3.108 1.878  1.00 16.86 ? 1005 DC  A "C2'"  1 
ATOM   164 C  "C1'"  . DC  A 1 5 ? -4.637  -2.254 2.295  1.00 15.24 ? 1005 DC  A "C1'"  1 
ATOM   165 N  N1     . DC  A 1 5 ? -3.965  -1.452 1.220  1.00 15.72 ? 1005 DC  A N1     1 
ATOM   166 C  C2     . DC  A 1 5 ? -3.442  -0.194 1.620  1.00 14.31 ? 1005 DC  A C2     1 
ATOM   167 O  O2     . DC  A 1 5 ? -3.569  0.186  2.784  1.00 14.91 ? 1005 DC  A O2     1 
ATOM   168 N  N3     . DC  A 1 5 ? -2.849  0.529  0.672  1.00 13.83 ? 1005 DC  A N3     1 
ATOM   169 C  C4     . DC  A 1 5 ? -2.761  0.052  -0.544 1.00 16.08 ? 1005 DC  A C4     1 
ATOM   170 N  N4     . DC  A 1 5 ? -2.133  0.857  -1.450 1.00 16.10 ? 1005 DC  A N4     1 
ATOM   171 C  C5     . DC  A 1 5 ? -3.267  -1.192 -0.934 1.00 16.12 ? 1005 DC  A C5     1 
ATOM   172 C  C6     . DC  A 1 5 ? -3.872  -1.959 -0.037 1.00 16.83 ? 1005 DC  A C6     1 
ATOM   173 H  "H5'"  . DC  A 1 5 ? -2.945  -5.534 3.385  1.00 19.74 ? 1005 DC  A "H5'"  1 
ATOM   174 H  "H5''" . DC  A 1 5 ? -4.271  -6.247 3.842  1.00 19.74 ? 1005 DC  A "H5''" 1 
ATOM   175 H  "H4'"  . DC  A 1 5 ? -4.509  -4.023 4.495  1.00 17.70 ? 1005 DC  A "H4'"  1 
ATOM   176 H  "H3'"  . DC  A 1 5 ? -6.331  -4.934 2.708  1.00 18.29 ? 1005 DC  A "H3'"  1 
ATOM   177 H  "H2'"  . DC  A 1 5 ? -5.638  -3.570 1.046  1.00 20.23 ? 1005 DC  A "H2'"  1 
ATOM   178 H  "H2''" . DC  A 1 5 ? -6.618  -2.568 1.775  1.00 20.23 ? 1005 DC  A "H2''" 1 
ATOM   179 H  "H1'"  . DC  A 1 5 ? -4.911  -1.655 3.020  1.00 18.29 ? 1005 DC  A "H1'"  1 
ATOM   180 H  H41    . DC  A 1 5 ? -1.826  1.622  -1.204 1.00 19.32 ? 1005 DC  A H41    1 
ATOM   181 H  H42    . DC  A 1 5 ? -2.044  0.599  -2.265 1.00 19.32 ? 1005 DC  A H42    1 
ATOM   182 H  H5     . DC  A 1 5 ? -3.179  -1.480 -1.814 1.00 19.35 ? 1005 DC  A H5     1 
ATOM   183 H  H6     . DC  A 1 5 ? -4.213  -2.795 -0.256 1.00 20.20 ? 1005 DC  A H6     1 
ATOM   184 P  P      . DG  A 1 6 ? -8.273  -3.768 4.227  1.00 19.63 ? 1006 DG  A P      1 
ATOM   185 O  OP1    . DG  A 1 6 ? -8.427  -4.594 5.587  1.00 26.92 ? 1006 DG  A OP1    1 
ATOM   186 O  OP2    . DG  A 1 6 ? -8.874  -4.280 2.982  1.00 19.88 ? 1006 DG  A OP2    1 
ATOM   187 O  "O5'"  . DG  A 1 6 ? -8.858  -2.395 4.590  1.00 26.90 ? 1006 DG  A "O5'"  1 
ATOM   188 C  "C5'"  . DG  A 1 6 ? -8.612  -1.285 3.942  1.00 23.49 ? 1006 DG  A "C5'"  1 
ATOM   189 C  "C4'"  . DG  A 1 6 ? -9.583  -0.176 4.406  1.00 18.63 ? 1006 DG  A "C4'"  1 
ATOM   190 O  "O4'"  . DG  A 1 6 ? -9.392  0.823  3.386  1.00 17.61 ? 1006 DG  A "O4'"  1 
ATOM   191 C  "C3'"  . DG  A 1 6 ? -11.052 -0.588 4.321  1.00 18.98 ? 1006 DG  A "C3'"  1 
ATOM   192 O  "O3'"  . DG  A 1 6 ? -11.792 0.116  5.352  1.00 25.58 ? 1006 DG  A "O3'"  1 
ATOM   193 C  "C2'"  . DG  A 1 6 ? -11.418 -0.191 2.916  1.00 18.71 ? 1006 DG  A "C2'"  1 
ATOM   194 C  "C1'"  . DG  A 1 6 ? -10.656 1.104  2.712  1.00 17.89 ? 1006 DG  A "C1'"  1 
ATOM   195 N  N9     . DG  A 1 6 ? -10.189 1.380  1.309  1.00 16.81 ? 1006 DG  A N9     1 
ATOM   196 C  C8     . DG  A 1 6 ? -10.251 0.535  0.166  1.00 16.69 ? 1006 DG  A C8     1 
ATOM   197 N  N7     . DG  A 1 6 ? -9.739  1.145  -0.862 1.00 16.95 ? 1006 DG  A N7     1 
ATOM   198 C  C5     . DG  A 1 6 ? -9.324  2.400  -0.452 1.00 14.34 ? 1006 DG  A C5     1 
ATOM   199 C  C6     . DG  A 1 6 ? -8.721  3.437  -1.133 1.00 13.61 ? 1006 DG  A C6     1 
ATOM   200 O  O6     . DG  A 1 6 ? -8.401  3.488  -2.318 1.00 14.21 ? 1006 DG  A O6     1 
ATOM   201 N  N1     . DG  A 1 6 ? -8.449  4.560  -0.349 1.00 12.76 ? 1006 DG  A N1     1 
ATOM   202 C  C2     . DG  A 1 6 ? -8.755  4.639  0.984  1.00 12.62 ? 1006 DG  A C2     1 
ATOM   203 N  N2     . DG  A 1 6 ? -8.437  5.765  1.586  1.00 14.49 ? 1006 DG  A N2     1 
ATOM   204 N  N3     . DG  A 1 6 ? -9.339  3.640  1.663  1.00 14.67 ? 1006 DG  A N3     1 
ATOM   205 C  C4     . DG  A 1 6 ? -9.590  2.571  0.886  1.00 12.85 ? 1006 DG  A C4     1 
ATOM   206 H  "H5'"  . DG  A 1 6 ? -8.719  -1.434 2.988  1.00 28.19 ? 1006 DG  A "H5'"  1 
ATOM   207 H  "H5''" . DG  A 1 6 ? -7.698  -1.008 4.104  1.00 28.19 ? 1006 DG  A "H5''" 1 
ATOM   208 H  "H4'"  . DG  A 1 6 ? -9.350  0.163  5.295  1.00 22.36 ? 1006 DG  A "H4'"  1 
ATOM   209 H  "H3'"  . DG  A 1 6 ? -11.143 -1.557 4.437  1.00 22.77 ? 1006 DG  A "H3'"  1 
ATOM   210 H  "HO3'" . DG  A 1 6 ? -11.640 0.920  5.296  1.00 38.37 ? 1006 DG  A "HO3'" 1 
ATOM   211 H  "H2'"  . DG  A 1 6 ? -11.137 -0.865 2.278  1.00 22.46 ? 1006 DG  A "H2'"  1 
ATOM   212 H  "H2''" . DG  A 1 6 ? -12.374 -0.051 2.830  1.00 22.46 ? 1006 DG  A "H2''" 1 
ATOM   213 H  "H1'"  . DG  A 1 6 ? -11.121 1.872  3.105  1.00 21.47 ? 1006 DG  A "H1'"  1 
ATOM   214 H  H8     . DG  A 1 6 ? -10.605 -0.325 0.156  1.00 20.03 ? 1006 DG  A H8     1 
ATOM   215 H  H1     . DG  A 1 6 ? -8.071  5.237  -0.721 1.00 15.31 ? 1006 DG  A H1     1 
ATOM   216 H  H21    . DG  A 1 6 ? -8.605  5.866  2.424  1.00 17.39 ? 1006 DG  A H21    1 
ATOM   217 H  H22    . DG  A 1 6 ? -8.063  6.399  1.143  1.00 17.39 ? 1006 DG  A H22    1 
HETATM 218 C  C1     . DA6 B 2 . ? -4.577  5.970  1.769  1.00 23.54 ? 3013 DA6 A C1     1 
HETATM 219 C  C2     . DA6 B 2 . ? -3.890  6.944  1.051  1.00 22.51 ? 3013 DA6 A C2     1 
HETATM 220 C  C3     . DA6 B 2 . ? -3.537  6.795  -0.130 1.00 23.82 ? 3013 DA6 A C3     1 
HETATM 221 C  C4     . DA6 B 2 . ? -3.835  5.573  -0.844 1.00 19.05 ? 3013 DA6 A C4     1 
HETATM 222 C  C5     . DA6 B 2 . ? -5.823  1.272  -0.893 1.00 21.29 ? 3013 DA6 A C5     1 
HETATM 223 C  C6     . DA6 B 2 . ? -6.505  0.261  -0.268 1.00 17.28 ? 3013 DA6 A C6     1 
HETATM 224 C  C7     . DA6 B 2 . ? -6.911  0.367  1.007  1.00 18.75 ? 3013 DA6 A C7     1 
HETATM 225 C  C8     . DA6 B 2 . ? -6.646  1.465  1.716  1.00 17.29 ? 3013 DA6 A C8     1 
HETATM 226 C  C9     . DA6 B 2 . ? -5.639  3.737  1.859  1.00 17.31 ? 3013 DA6 A C9     1 
HETATM 227 N  N9     . DA6 B 2 . ? -6.026  3.886  3.170  1.00 22.62 ? 3013 DA6 A N9     1 
HETATM 228 N  N10    . DA6 B 2 . ? -4.859  3.420  -0.781 1.00 17.98 ? 3013 DA6 A N10    1 
HETATM 229 C  C11    . DA6 B 2 . ? -4.943  4.774  1.208  1.00 17.01 ? 3013 DA6 A C11    1 
HETATM 230 C  C12    . DA6 B 2 . ? -4.532  4.588  -0.180 1.00 20.77 ? 3013 DA6 A C12    1 
HETATM 231 C  C13    . DA6 B 2 . ? -5.960  2.551  1.206  1.00 18.21 ? 3013 DA6 A C13    1 
HETATM 232 C  C14    . DA6 B 2 . ? -5.536  2.415  -0.193 1.00 18.05 ? 3013 DA6 A C14    1 
HETATM 233 BR BR     . DA6 B 2 . ? -6.870  -1.183 -1.212 1.00 44.96 ? 3013 DA6 A BR     1 
HETATM 234 C  CD1    . DA6 B 2 . ? -3.408  5.472  -2.192 0.61 22.17 ? 3013 DA6 A CD1    1 
HETATM 235 O  OD1    . DA6 B 2 . ? -3.368  4.349  -2.674 0.61 20.90 ? 3013 DA6 A OD1    1 
HETATM 236 N  ND1    . DA6 B 2 . ? -2.138  6.176  -2.549 0.61 21.85 ? 3013 DA6 A ND1    1 
HETATM 237 C  CD2    . DA6 B 2 . ? -1.339  5.716  -3.774 0.61 27.01 ? 3013 DA6 A CD2    1 
HETATM 238 C  CD3    . DA6 B 2 . ? 0.080   5.415  -3.061 0.61 28.86 ? 3013 DA6 A CD3    1 
HETATM 239 N  ND2    . DA6 B 2 . ? 0.839   6.508  -2.411 0.61 35.47 ? 3013 DA6 A ND2    1 
HETATM 240 C  CD7    . DA6 B 2 . ? 1.981   5.904  -1.693 0.61 44.42 ? 3013 DA6 A CD7    1 
HETATM 241 C  CD8    . DA6 B 2 . ? 1.171   7.651  -3.208 0.61 34.40 ? 3013 DA6 A CD8    1 
HETATM 242 H  H1     . DA6 B 2 . ? -4.794  6.136  2.659  1.00 28.25 ? 3013 DA6 A H1     1 
HETATM 243 H  H2     . DA6 B 2 . ? -3.687  7.746  1.475  1.00 27.02 ? 3013 DA6 A H2     1 
HETATM 244 H  H3     . DA6 B 2 . ? -3.073  7.477  -0.561 1.00 28.59 ? 3013 DA6 A H3     1 
HETATM 245 H  H5     . DA6 B 2 . ? -5.557  1.183  -1.779 1.00 25.55 ? 3013 DA6 A H5     1 
HETATM 246 H  H7     . DA6 B 2 . ? -7.383  -0.332 1.400  1.00 22.50 ? 3013 DA6 A H7     1 
HETATM 247 H  H8     . DA6 B 2 . ? -6.939  1.502  2.598  1.00 20.75 ? 3013 DA6 A H8     1 
HETATM 248 H  HN91   . DA6 B 2 . ? -6.456  3.255  3.566  1.00 27.15 ? 3013 DA6 A HN91   1 
HETATM 249 H  HN92   . DA6 B 2 . ? -5.838  4.611  3.594  1.00 27.15 ? 3013 DA6 A HN92   1 
HETATM 250 H  H10    . DA6 B 2 . ? -4.615  3.312  -1.599 1.00 21.58 ? 3013 DA6 A H10    1 
HETATM 251 H  HND1   . DA6 B 2 . ? -1.858  6.834  -2.070 0.61 26.22 ? 3013 DA6 A HND1   1 
HETATM 252 H  HD21   . DA6 B 2 . ? -1.718  4.919  -4.177 0.61 32.41 ? 3013 DA6 A HD21   1 
HETATM 253 H  HD22   . DA6 B 2 . ? -1.265  6.416  -4.442 0.61 32.41 ? 3013 DA6 A HD22   1 
HETATM 254 H  HD31   . DA6 B 2 . ? 0.660   5.022  -3.731 0.61 34.63 ? 3013 DA6 A HD31   1 
HETATM 255 H  HD32   . DA6 B 2 . ? -0.076  4.734  -2.389 0.61 34.63 ? 3013 DA6 A HD32   1 
HETATM 256 H  HD71   . DA6 B 2 . ? 2.580   5.500  -2.325 0.61 53.31 ? 3013 DA6 A HD71   1 
HETATM 257 H  HD72   . DA6 B 2 . ? 1.660   5.236  -1.084 0.61 53.31 ? 3013 DA6 A HD72   1 
HETATM 258 H  HD73   . DA6 B 2 . ? 2.447   6.587  -1.202 0.61 53.31 ? 3013 DA6 A HD73   1 
HETATM 259 H  HD81   . DA6 B 2 . ? 1.784   8.211  -2.726 0.61 41.28 ? 3013 DA6 A HD81   1 
HETATM 260 H  HD82   . DA6 B 2 . ? 1.579   7.362  -4.028 0.61 41.28 ? 3013 DA6 A HD82   1 
HETATM 261 H  HD83   . DA6 B 2 . ? 0.373   8.146  -3.406 0.61 41.28 ? 3013 DA6 A HD83   1 
HETATM 262 H  HND2   . DA6 B 2 . ? 0.301   6.818  -1.774 0.61 42.56 ? 3013 DA6 A HND2   1 
HETATM 263 C  C1     . DA6 C 2 . ? -12.373 5.649  1.821  0.50 21.24 ? 3015 DA6 A C1     1 
HETATM 264 C  C2     . DA6 C 2 . ? -12.941 4.352  1.852  0.50 21.30 ? 3015 DA6 A C2     1 
HETATM 265 C  C3     . DA6 C 2 . ? -12.929 3.581  0.719  0.50 22.46 ? 3015 DA6 A C3     1 
HETATM 266 C  C4     . DA6 C 2 . ? -12.374 4.026  -0.494 0.50 20.19 ? 3015 DA6 A C4     1 
HETATM 267 C  C5     . DA6 C 2 . ? -10.121 7.560  -2.936 0.50 17.88 ? 3015 DA6 A C5     1 
HETATM 268 C  C6     . DA6 C 2 . ? -9.597  8.817  -2.893 0.50 21.98 ? 3015 DA6 A C6     1 
HETATM 269 C  C7     . DA6 C 2 . ? -9.593  9.634  -1.747 0.50 21.42 ? 3015 DA6 A C7     1 
HETATM 270 C  C8     . DA6 C 2 . ? -10.158 9.155  -0.547 0.50 21.09 ? 3015 DA6 A C8     1 
HETATM 271 C  C9     . DA6 C 2 . ? -11.248 7.417  0.584  0.50 19.60 ? 3015 DA6 A C9     1 
HETATM 272 N  N9     . DA6 C 2 . ? -11.230 8.217  1.681  0.50 28.77 ? 3015 DA6 A N9     1 
HETATM 273 N  N10    . DA6 C 2 . ? -11.231 5.823  -1.734 0.50 17.34 ? 3015 DA6 A N10    1 
HETATM 274 C  C11    . DA6 C 2 . ? -11.810 6.137  0.638  0.50 18.18 ? 3015 DA6 A C11    1 
HETATM 275 C  C12    . DA6 C 2 . ? -11.803 5.351  -0.502 0.50 19.51 ? 3015 DA6 A C12    1 
HETATM 276 C  C13    . DA6 C 2 . ? -10.702 7.848  -0.613 0.50 18.30 ? 3015 DA6 A C13    1 
HETATM 277 C  C14    . DA6 C 2 . ? -10.701 7.083  -1.697 0.50 18.83 ? 3015 DA6 A C14    1 
HETATM 278 BR BR     . DA6 C 2 . ? -8.839  9.522  -4.365 0.50 22.23 ? 3015 DA6 A BR     1 
HETATM 279 C  CD1    . DA6 C 2 . ? -12.401 3.111  -1.707 0.50 26.63 ? 3015 DA6 A CD1    1 
HETATM 280 O  OD1    . DA6 C 2 . ? -13.039 1.856  -1.536 0.50 28.74 ? 3015 DA6 A OD1    1 
HETATM 281 N  ND1    . DA6 C 2 . ? -11.983 3.195  -2.951 0.50 29.14 ? 3015 DA6 A ND1    1 
HETATM 282 C  CD2    . DA6 C 2 . ? -10.903 2.421  -3.380 0.50 32.64 ? 3015 DA6 A CD2    1 
HETATM 283 C  CD3    . DA6 C 2 . ? -10.854 1.211  -4.151 0.50 33.09 ? 3015 DA6 A CD3    1 
HETATM 284 N  ND2    . DA6 C 2 . ? -9.679  0.362  -3.639 0.50 27.65 ? 3015 DA6 A ND2    1 
HETATM 285 C  CD7    . DA6 C 2 . ? -8.356  1.024  -4.244 0.50 30.66 ? 3015 DA6 A CD7    1 
HETATM 286 C  CD8    . DA6 C 2 . ? -9.876  -0.849 -3.421 0.50 28.81 ? 3015 DA6 A CD8    1 
HETATM 287 H  H1     . DA6 C 2 . ? -12.374 6.177  2.587  0.50 15.03 ? 3015 DA6 A H1     1 
HETATM 288 H  H2     . DA6 C 2 . ? -13.319 4.025  2.636  0.50 6.30  ? 3015 DA6 A H2     1 
HETATM 289 H  H3     . DA6 C 2 . ? -13.304 2.730  0.753  0.50 10.79 ? 3015 DA6 A H3     1 
HETATM 290 H  H5     . DA6 C 2 . ? -10.108 7.043  -3.710 0.50 5.73  ? 3015 DA6 A H5     1 
HETATM 291 H  H7     . DA6 C 2 . ? -9.220  10.485 -1.781 0.50 14.08 ? 3015 DA6 A H7     1 
HETATM 292 H  H8     . DA6 C 2 . ? -10.172 9.661  0.233  0.50 5.65  ? 3015 DA6 A H8     1 
HETATM 293 H  HN91   . DA6 C 2 . ? -10.876 9.001  1.635  0.50 1.94  ? 3015 DA6 A HN91   1 
HETATM 294 H  HN92   . DA6 C 2 . ? -11.571 7.942  2.420  0.50 15.38 ? 3015 DA6 A HN92   1 
HETATM 295 H  H10    . DA6 C 2 . ? -11.223 5.343  -2.447 0.50 7.50  ? 3015 DA6 A H10    1 
HETATM 296 H  HND1   . DA6 C 2 . ? -12.374 3.729  -3.501 0.50 34.96 ? 3015 DA6 A HND1   1 
HETATM 297 H  HD21   . DA6 C 2 . ? -10.418 2.211  -2.567 0.50 39.16 ? 3015 DA6 A HD21   1 
HETATM 298 H  HD22   . DA6 C 2 . ? -10.340 3.042  -3.868 0.50 39.16 ? 3015 DA6 A HD22   1 
HETATM 299 H  HD31   . DA6 C 2 . ? -11.685 0.720  -4.053 0.50 39.71 ? 3015 DA6 A HD31   1 
HETATM 300 H  HD32   . DA6 C 2 . ? -10.730 1.419  -5.089 0.50 39.71 ? 3015 DA6 A HD32   1 
HETATM 301 H  HD71   . DA6 C 2 . ? -7.637  0.389  -4.211 0.50 45.99 ? 3015 DA6 A HD71   1 
HETATM 302 H  HD72   . DA6 C 2 . ? -8.122  1.800  -3.730 0.50 45.99 ? 3015 DA6 A HD72   1 
HETATM 303 H  HD73   . DA6 C 2 . ? -8.515  1.280  -5.155 0.50 45.99 ? 3015 DA6 A HD73   1 
HETATM 304 H  HD81   . DA6 C 2 . ? -10.376 -0.950 -2.607 0.50 43.21 ? 3015 DA6 A HD81   1 
HETATM 305 H  HD82   . DA6 C 2 . ? -10.371 -1.228 -4.150 0.50 43.21 ? 3015 DA6 A HD82   1 
HETATM 306 H  HD83   . DA6 C 2 . ? -9.033  -1.299 -3.336 0.50 43.21 ? 3015 DA6 A HD83   1 
HETATM 307 O  O      . HOH D 3 . ? 12.908  0.572  -5.827 1.00 20.46 ? 4001 HOH A O      1 
HETATM 308 O  O      . HOH D 3 . ? -6.886  -7.096 5.577  1.00 36.31 ? 4002 HOH A O      1 
HETATM 309 O  O      . HOH D 3 . ? -8.426  -4.212 8.055  1.00 23.36 ? 4003 HOH A O      1 
HETATM 310 O  O      . HOH D 3 . ? -6.359  -8.425 3.552  1.00 25.56 ? 4004 HOH A O      1 
HETATM 311 O  O      . HOH D 3 . ? 9.164   -5.092 -7.356 1.00 49.03 ? 4005 HOH A O      1 
HETATM 312 O  O      . HOH D 3 . ? 1.568   0.907  -2.551 1.00 35.89 ? 4006 HOH A O      1 
HETATM 313 O  O      . HOH D 3 . ? 18.128  2.167  3.961  1.00 18.92 ? 4007 HOH A O      1 
HETATM 314 O  O      . HOH D 3 . ? -11.595 3.030  5.617  1.00 27.89 ? 4008 HOH A O      1 
HETATM 315 O  O      . HOH D 3 . ? -5.139  -4.928 -1.186 1.00 38.56 ? 4009 HOH A O      1 
HETATM 316 O  O      . HOH D 3 . ? 15.356  4.480  0.989  1.00 42.63 ? 4010 HOH A O      1 
HETATM 317 O  O      . HOH D 3 . ? 7.844   -4.245 1.336  1.00 32.35 ? 4011 HOH A O      1 
HETATM 318 O  O      . HOH D 3 . ? -1.601  8.586  -2.184 1.00 38.86 ? 4012 HOH A O      1 
HETATM 319 O  O      . HOH D 3 . ? -1.878  -3.441 -3.284 1.00 45.44 ? 4013 HOH A O      1 
HETATM 320 O  O      . HOH D 3 . ? 14.987  4.387  -1.660 1.00 26.57 ? 4014 HOH A O      1 
HETATM 321 O  O      . HOH D 3 . ? -7.690  -8.745 0.413  1.00 61.44 ? 4015 HOH A O      1 
HETATM 322 O  O      . HOH D 3 . ? -7.793  -5.036 -0.741 1.00 42.02 ? 4017 HOH A O      1 
HETATM 323 O  O      . HOH D 3 . ? -9.607  -2.952 0.758  1.00 41.88 ? 4018 HOH A O      1 
HETATM 324 O  O      . HOH D 3 . ? 10.449  -3.894 0.262  1.00 29.48 ? 4019 HOH A O      1 
HETATM 325 O  O      . HOH D 3 . ? 9.072   3.092  -2.310 1.00 32.32 ? 4020 HOH A O      1 
HETATM 326 O  O      . HOH D 3 . ? 12.634  3.473  -7.535 1.00 36.16 ? 4022 HOH A O      1 
HETATM 327 O  O      . HOH D 3 . ? -11.502 5.548  7.759  1.00 43.80 ? 4023 HOH A O      1 
HETATM 328 O  O      . HOH D 3 . ? 13.762  4.876  -5.223 1.00 44.70 ? 4024 HOH A O      1 
HETATM 329 O  O      . HOH D 3 . ? 1.905   -2.619 -5.339 1.00 59.35 ? 4025 HOH A O      1 
HETATM 330 O  O      . HOH D 3 . ? -7.978  -6.526 0.933  1.00 48.55 ? 4026 HOH A O      1 
HETATM 331 O  O      . HOH D 3 . ? 7.764   -7.849 -0.741 1.00 50.44 ? 4027 HOH A O      1 
HETATM 332 O  O      . HOH D 3 . ? -1.669  -0.310 -4.147 1.00 41.96 ? 4028 HOH A O      1 
HETATM 333 O  O      . HOH D 3 . ? -4.908  0.644  -4.311 0.50 30.55 ? 4029 HOH A O      1 
HETATM 334 O  O      . HOH D 3 . ? 4.996   -7.636 -0.634 1.00 45.45 ? 4030 HOH A O      1 
HETATM 335 O  O      . HOH D 3 . ? 7.584   -7.094 -8.740 1.00 85.48 ? 4131 HOH A O      1 
HETATM 336 O  O      . HOH D 3 . ? 5.807   -9.974 -2.590 1.00 78.24 ? 4132 HOH A O      1 
# 
loop_
_atom_site_anisotrop.id 
_atom_site_anisotrop.type_symbol 
_atom_site_anisotrop.pdbx_label_atom_id 
_atom_site_anisotrop.pdbx_label_alt_id 
_atom_site_anisotrop.pdbx_label_comp_id 
_atom_site_anisotrop.pdbx_label_asym_id 
_atom_site_anisotrop.pdbx_label_seq_id 
_atom_site_anisotrop.pdbx_PDB_ins_code 
_atom_site_anisotrop.U[1][1] 
_atom_site_anisotrop.U[2][2] 
_atom_site_anisotrop.U[3][3] 
_atom_site_anisotrop.U[1][2] 
_atom_site_anisotrop.U[1][3] 
_atom_site_anisotrop.U[2][3] 
_atom_site_anisotrop.pdbx_auth_seq_id 
_atom_site_anisotrop.pdbx_auth_comp_id 
_atom_site_anisotrop.pdbx_auth_asym_id 
_atom_site_anisotrop.pdbx_auth_atom_id 
1   O  "O5'" . DC  A 1 ? 0.1804 0.3038 0.1673 -0.0120 -0.0117 -0.0523 1001 DC  A "O5'" 
2   C  "C5'" . DC  A 1 ? 0.1754 0.2748 0.1763 -0.0131 0.0224  -0.0486 1001 DC  A "C5'" 
3   C  "C4'" . DC  A 1 ? 0.1922 0.2738 0.1885 -0.0211 -0.0163 -0.0255 1001 DC  A "C4'" 
4   O  "O4'" . DC  A 1 ? 0.1557 0.2920 0.1769 -0.0312 -0.0010 -0.0352 1001 DC  A "O4'" 
5   C  "C3'" . DC  A 1 ? 0.2048 0.2509 0.1947 -0.0050 -0.0053 -0.0527 1001 DC  A "C3'" 
6   O  "O3'" . DC  A 1 ? 0.1983 0.2640 0.1582 -0.0283 -0.0271 -0.0473 1001 DC  A "O3'" 
7   C  "C2'" . DC  A 1 ? 0.2030 0.2487 0.1747 -0.0458 -0.0376 -0.0499 1001 DC  A "C2'" 
8   C  "C1'" . DC  A 1 ? 0.1761 0.2582 0.1894 -0.0225 0.0278  -0.0562 1001 DC  A "C1'" 
9   N  N1    . DC  A 1 ? 0.1395 0.2179 0.1668 0.0129  0.0085  -0.0602 1001 DC  A N1    
10  C  C2    . DC  A 1 ? 0.0705 0.2148 0.1930 0.0437  -0.0151 0.0120  1001 DC  A C2    
11  O  O2    . DC  A 1 ? 0.1836 0.2281 0.1864 0.0044  -0.0200 -0.0353 1001 DC  A O2    
12  N  N3    . DC  A 1 ? 0.1189 0.2486 0.1750 -0.0195 -0.0202 -0.0384 1001 DC  A N3    
13  C  C4    . DC  A 1 ? 0.1305 0.2636 0.1737 -0.0285 -0.0199 -0.0297 1001 DC  A C4    
14  N  N4    . DC  A 1 ? 0.1635 0.1950 0.1917 -0.0208 0.0041  -0.0210 1001 DC  A N4    
15  C  C5    . DC  A 1 ? 0.1613 0.2436 0.1436 0.0009  -0.0147 -0.0421 1001 DC  A C5    
16  C  C6    . DC  A 1 ? 0.1734 0.2355 0.1920 -0.0360 0.0203  -0.0500 1001 DC  A C6    
29  P  P     . DG  A 2 ? 0.2183 0.3095 0.2071 -0.0199 -0.0142 -0.0192 1002 DG  A P     
30  O  OP1   . DG  A 2 ? 0.2321 0.3503 0.1958 -0.0007 -0.0134 -0.0283 1002 DG  A OP1   
31  O  OP2   . DG  A 2 ? 0.2621 0.3006 0.2789 0.0446  -0.0158 -0.0733 1002 DG  A OP2   
32  O  "O5'" . DG  A 2 ? 0.1729 0.3425 0.2331 -0.0280 -0.0352 -0.0148 1002 DG  A "O5'" 
33  C  "C5'" . DG  A 2 ? 0.2106 0.3928 0.1928 -0.0183 -0.0224 -0.0353 1002 DG  A "C5'" 
34  C  "C4'" . DG  A 2 ? 0.1528 0.3833 0.2495 0.0052  0.0119  -0.0033 1002 DG  A "C4'" 
35  O  "O4'" . DG  A 2 ? 0.2072 0.4323 0.2185 0.0252  0.0247  0.0095  1002 DG  A "O4'" 
36  C  "C3'" . DG  A 2 ? 0.1875 0.4509 0.2672 -0.0219 -0.0020 -0.0421 1002 DG  A "C3'" 
37  O  "O3'" . DG  A 2 ? 0.1950 0.4305 0.2270 -0.0256 0.0181  -0.0109 1002 DG  A "O3'" 
38  C  "C2'" . DG  A 2 ? 0.2319 0.4687 0.2379 0.0457  0.0164  0.0031  1002 DG  A "C2'" 
39  C  "C1'" . DG  A 2 ? 0.1883 0.4105 0.2533 0.0394  0.0054  -0.0523 1002 DG  A "C1'" 
40  N  N9    . DG  A 2 ? 0.1783 0.2904 0.2281 -0.0119 0.0033  -0.0032 1002 DG  A N9    
41  C  C8    . DG  A 2 ? 0.1905 0.3208 0.2705 -0.0081 0.0304  0.0021  1002 DG  A C8    
42  N  N7    . DG  A 2 ? 0.1784 0.2666 0.2403 0.0208  -0.0115 0.0236  1002 DG  A N7    
43  C  C5    . DG  A 2 ? 0.1311 0.2369 0.2351 0.0066  -0.0315 -0.0006 1002 DG  A C5    
44  C  C6    . DG  A 2 ? 0.1022 0.2003 0.3010 0.0395  0.0374  0.0041  1002 DG  A C6    
45  O  O6    . DG  A 2 ? 0.1528 0.2145 0.2832 0.0291  -0.0085 -0.0273 1002 DG  A O6    
46  N  N1    . DG  A 2 ? 0.0960 0.1928 0.2479 0.0351  -0.0278 0.0048  1002 DG  A N1    
47  C  C2    . DG  A 2 ? 0.0840 0.2230 0.2182 0.0377  -0.0324 -0.0047 1002 DG  A C2    
48  N  N2    . DG  A 2 ? 0.1010 0.2200 0.2421 0.0105  -0.0524 -0.0110 1002 DG  A N2    
49  N  N3    . DG  A 2 ? 0.1131 0.2633 0.2219 0.0184  -0.0065 -0.0150 1002 DG  A N3    
50  C  C4    . DG  A 2 ? 0.1043 0.2714 0.1974 0.0152  -0.0537 0.0005  1002 DG  A C4    
62  N  N1    A BRU A 3 ? 0.1393 0.4014 0.1734 0.0433  0.0223  -0.0112 1003 BRU A N1    
63  N  N1    B BRU A 3 ? 0.1757 0.3316 0.1695 -0.0089 0.0078  -0.0373 1003 BRU A N1    
64  C  C2    A BRU A 3 ? 0.1334 0.2647 0.1607 0.0675  0.0100  -0.0059 1003 BRU A C2    
65  C  C2    B BRU A 3 ? 0.1287 0.2597 0.1625 0.0150  0.0241  -0.0085 1003 BRU A C2    
66  N  N3    A BRU A 3 ? 0.1316 0.2460 0.2114 0.0500  -0.0288 0.0238  1003 BRU A N3    
67  N  N3    B BRU A 3 ? 0.1622 0.2246 0.2081 0.0501  -0.0067 -0.0097 1003 BRU A N3    
68  C  C4    A BRU A 3 ? 0.1447 0.2766 0.2184 0.0465  0.0107  0.0013  1003 BRU A C4    
69  C  C4    B BRU A 3 ? 0.1366 0.2318 0.2071 0.0717  0.0202  0.0003  1003 BRU A C4    
70  C  C5    A BRU A 3 ? 0.1807 0.3418 0.2156 0.0995  0.0341  0.0131  1003 BRU A C5    
71  C  C5    B BRU A 3 ? 0.1992 0.3100 0.2133 0.0553  0.0113  0.0118  1003 BRU A C5    
72  C  C6    A BRU A 3 ? 0.2032 0.4096 0.1517 0.0744  0.0144  0.0063  1003 BRU A C6    
73  C  C6    B BRU A 3 ? 0.1961 0.3377 0.1541 0.0122  0.0301  -0.0246 1003 BRU A C6    
74  O  O2    A BRU A 3 ? 0.1786 0.2669 0.1225 0.0190  -0.0403 -0.0227 1003 BRU A O2    
75  O  O2    B BRU A 3 ? 0.0951 0.3217 0.2445 0.0323  -0.0072 0.1195  1003 BRU A O2    
76  O  O4    A BRU A 3 ? 0.1677 0.2387 0.1894 0.0359  0.0029  0.0510  1003 BRU A O4    
77  O  O4    B BRU A 3 ? 0.1443 0.2232 0.3178 0.0354  -0.0954 0.0112  1003 BRU A O4    
78  BR BR    A BRU A 3 ? 0.3978 0.4918 0.2625 0.1215  0.0885  0.1030  1003 BRU A BR    
79  BR BR    B BRU A 3 ? 0.1645 0.3175 0.2165 0.0171  0.0496  0.0052  1003 BRU A BR    
80  C  "C1'" A BRU A 3 ? 0.1904 0.4136 0.2210 0.0176  0.0376  -0.0599 1003 BRU A "C1'" 
81  C  "C1'" B BRU A 3 ? 0.2050 0.3345 0.2296 -0.0040 0.0248  -0.0594 1003 BRU A "C1'" 
82  C  "C2'" A BRU A 3 ? 0.2089 0.4059 0.2366 -0.0323 -0.0518 -0.0058 1003 BRU A "C2'" 
83  C  "C2'" B BRU A 3 ? 0.2576 0.3685 0.2120 -0.0013 0.0200  -0.0786 1003 BRU A "C2'" 
84  C  "C3'" A BRU A 3 ? 0.2636 0.4092 0.2263 -0.0126 0.0156  -0.0750 1003 BRU A "C3'" 
85  C  "C3'" B BRU A 3 ? 0.2927 0.3639 0.2324 0.0085  0.0259  -0.0646 1003 BRU A "C3'" 
86  C  "C4'" A BRU A 3 ? 0.2838 0.3513 0.1497 0.0134  0.0271  -0.0544 1003 BRU A "C4'" 
87  C  "C4'" B BRU A 3 ? 0.2776 0.3128 0.2588 0.0116  0.0238  -0.0657 1003 BRU A "C4'" 
88  O  "O3'" A BRU A 3 ? 0.2968 0.3866 0.3556 -0.0261 0.0507  -0.0848 1003 BRU A "O3'" 
89  O  "O3'" B BRU A 3 ? 0.2841 0.3709 0.3942 -0.0178 0.0716  -0.0661 1003 BRU A "O3'" 
90  O  "O4'" A BRU A 3 ? 0.2388 0.3143 0.1968 0.0063  -0.0162 -0.0515 1003 BRU A "O4'" 
91  O  "O4'" B BRU A 3 ? 0.2058 0.2911 0.2428 -0.0253 0.0465  -0.0410 1003 BRU A "O4'" 
92  C  "C5'" A BRU A 3 ? 0.2631 0.3906 0.1857 0.0032  0.0067  -0.0748 1003 BRU A "C5'" 
93  C  "C5'" B BRU A 3 ? 0.2835 0.3036 0.2007 0.0008  -0.0049 -0.0908 1003 BRU A "C5'" 
94  O  "O5'" A BRU A 3 ? 0.1960 0.5071 0.2038 -0.0400 -0.0209 0.0066  1003 BRU A "O5'" 
95  O  "O5'" B BRU A 3 ? 0.2233 0.3529 0.2412 -0.0618 -0.0751 -0.0329 1003 BRU A "O5'" 
96  P  P     A BRU A 3 ? 0.1978 0.5074 0.3351 -0.0826 0.0045  -0.0106 1003 BRU A P     
97  P  P     B BRU A 3 ? 0.2608 0.4755 0.2496 -0.0497 -0.0146 -0.0315 1003 BRU A P     
98  O  OP1   A BRU A 3 ? 0.2802 0.5625 0.4460 -0.0994 0.0402  -0.1523 1003 BRU A OP1   
99  O  OP1   B BRU A 3 ? 0.3090 0.4964 0.3860 -0.0662 0.0180  -0.1095 1003 BRU A OP1   
100 O  OP2   A BRU A 3 ? 0.3561 0.7358 0.2154 0.0659  0.0452  0.1412  1003 BRU A OP2   
101 O  OP2   B BRU A 3 ? 0.1750 0.4438 0.2774 -0.0923 0.0142  0.0268  1003 BRU A OP2   
120 P  P     A DA  A 4 ? 0.3536 0.4180 0.3501 -0.0623 0.0868  -0.1201 1004 DA  A P     
121 P  P     B DA  A 4 ? 0.3666 0.3697 0.3514 -0.0190 0.0827  -0.1582 1004 DA  A P     
122 O  OP1   A DA  A 4 ? 0.4480 0.5109 0.3368 -0.0155 0.1264  -0.1409 1004 DA  A OP1   
123 O  OP1   B DA  A 4 ? 0.3842 0.3966 0.4162 0.0130  -0.0199 -0.1328 1004 DA  A OP1   
124 O  OP2   A DA  A 4 ? 0.3723 0.4660 0.3134 -0.0930 0.0381  -0.1333 1004 DA  A OP2   
125 O  OP2   B DA  A 4 ? 0.4108 0.4939 0.3493 -0.0124 0.0853  -0.0574 1004 DA  A OP2   
126 O  "O5'" . DA  A 4 ? 0.3091 0.4586 0.3228 -0.0534 0.0750  -0.1449 1004 DA  A "O5'" 
127 C  "C5'" . DA  A 4 ? 0.2615 0.3953 0.3740 0.0584  0.0770  -0.0374 1004 DA  A "C5'" 
128 C  "C4'" . DA  A 4 ? 0.2184 0.2387 0.3259 0.0493  0.0260  -0.0033 1004 DA  A "C4'" 
129 O  "O4'" . DA  A 4 ? 0.2456 0.2238 0.2837 0.0188  -0.0893 -0.0073 1004 DA  A "O4'" 
130 C  "C3'" . DA  A 4 ? 0.2176 0.1815 0.2366 0.0335  0.0046  -0.0030 1004 DA  A "C3'" 
131 O  "O3'" . DA  A 4 ? 0.2044 0.2000 0.2102 0.0320  -0.0149 0.0191  1004 DA  A "O3'" 
132 C  "C2'" . DA  A 4 ? 0.2048 0.1735 0.2560 -0.0296 -0.0539 -0.0100 1004 DA  A "C2'" 
133 C  "C1'" . DA  A 4 ? 0.1430 0.1866 0.2595 0.0028  -0.0135 -0.0004 1004 DA  A "C1'" 
134 N  N9    . DA  A 4 ? 0.1597 0.1938 0.1957 -0.0094 -0.0465 -0.0078 1004 DA  A N9    
135 C  C8    . DA  A 4 ? 0.2107 0.1914 0.2035 -0.0012 -0.0349 0.0125  1004 DA  A C8    
136 N  N7    . DA  A 4 ? 0.1924 0.2070 0.2475 0.0240  -0.0383 0.0032  1004 DA  A N7    
137 C  C5    . DA  A 4 ? 0.1284 0.1738 0.2534 0.0428  -0.0412 -0.0076 1004 DA  A C5    
138 C  C6    . DA  A 4 ? 0.1181 0.1882 0.3135 0.0496  -0.0709 -0.0013 1004 DA  A C6    
139 N  N6    . DA  A 4 ? 0.1900 0.1451 0.3720 0.0434  -0.0589 0.0103  1004 DA  A N6    
140 N  N1    . DA  A 4 ? 0.1239 0.2099 0.3076 0.0493  -0.0689 -0.0337 1004 DA  A N1    
141 C  C2    . DA  A 4 ? 0.1036 0.2094 0.3104 0.0531  -0.0459 -0.0443 1004 DA  A C2    
142 N  N3    . DA  A 4 ? 0.1325 0.2265 0.2303 0.0326  -0.0259 -0.0538 1004 DA  A N3    
143 C  C4    . DA  A 4 ? 0.1114 0.1971 0.2258 0.0250  -0.0360 -0.0221 1004 DA  A C4    
154 P  P     . DC  A 5 ? 0.2066 0.1784 0.2078 0.0012  -0.0392 -0.0293 1005 DC  A P     
155 O  OP1   . DC  A 5 ? 0.1928 0.1960 0.2528 -0.0090 -0.0340 -0.0098 1005 DC  A OP1   
156 O  OP2   . DC  A 5 ? 0.3187 0.2266 0.2016 0.0008  -0.0756 -0.0516 1005 DC  A OP2   
157 O  "O5'" . DC  A 5 ? 0.2265 0.2172 0.1518 0.0210  -0.0312 -0.0237 1005 DC  A "O5'" 
158 C  "C5'" . DC  A 5 ? 0.2432 0.2253 0.1564 0.0663  -0.0420 -0.0268 1005 DC  A "C5'" 
159 C  "C4'" . DC  A 5 ? 0.1886 0.2187 0.1532 0.0201  -0.0145 -0.0293 1005 DC  A "C4'" 
160 O  "O4'" . DC  A 5 ? 0.1472 0.2187 0.1897 0.0434  -0.0237 -0.0051 1005 DC  A "O4'" 
161 C  "C3'" . DC  A 5 ? 0.1828 0.1698 0.2267 0.0184  -0.0589 -0.0226 1005 DC  A "C3'" 
162 O  "O3'" . DC  A 5 ? 0.1669 0.1916 0.2620 0.0373  -0.0613 -0.0180 1005 DC  A "O3'" 
163 C  "C2'" . DC  A 5 ? 0.1605 0.1917 0.2884 0.0526  -0.0341 0.0065  1005 DC  A "C2'" 
164 C  "C1'" . DC  A 5 ? 0.1741 0.1918 0.2132 0.0492  -0.0034 0.0013  1005 DC  A "C1'" 
165 N  N1    . DC  A 5 ? 0.1497 0.2425 0.2051 0.0642  -0.0237 0.0167  1005 DC  A N1    
166 C  C2    . DC  A 5 ? 0.1415 0.2137 0.1884 0.0684  -0.0332 0.0257  1005 DC  A C2    
167 O  O2    . DC  A 5 ? 0.1691 0.2191 0.1785 0.0234  -0.0310 0.0062  1005 DC  A O2    
168 N  N3    . DC  A 5 ? 0.1350 0.2179 0.1725 0.0799  -0.0150 0.0251  1005 DC  A N3    
169 C  C4    . DC  A 5 ? 0.1956 0.2525 0.1630 0.0756  -0.0445 0.0039  1005 DC  A C4    
170 N  N4    . DC  A 5 ? 0.1872 0.2219 0.2028 0.0783  -0.0123 -0.0042 1005 DC  A N4    
171 C  C5    . DC  A 5 ? 0.2036 0.2585 0.1505 0.0603  -0.0182 -0.0221 1005 DC  A C5    
172 C  C6    . DC  A 5 ? 0.1993 0.2686 0.1718 0.0893  -0.0384 -0.0085 1005 DC  A C6    
184 P  P     . DG  A 6 ? 0.1965 0.2443 0.3051 -0.0052 -0.0222 0.0099  1006 DG  A P     
185 O  OP1   . DG  A 6 ? 0.2704 0.4325 0.3199 -0.0104 0.0188  0.0589  1006 DG  A OP1   
186 O  OP2   . DG  A 6 ? 0.1354 0.3145 0.3055 0.0180  -0.0316 0.0308  1006 DG  A OP2   
187 O  "O5'" . DG  A 6 ? 0.1692 0.3187 0.5342 -0.0031 0.0129  -0.0176 1006 DG  A "O5'" 
188 C  "C5'" . DG  A 6 ? 0.1714 0.3555 0.3658 0.0912  0.0201  0.1485  1006 DG  A "C5'" 
189 C  "C4'" . DG  A 6 ? 0.1982 0.3154 0.1944 0.0089  0.0156  0.0041  1006 DG  A "C4'" 
190 O  "O4'" . DG  A 6 ? 0.1446 0.3080 0.2163 0.0332  0.0181  0.0106  1006 DG  A "O4'" 
191 C  "C3'" . DG  A 6 ? 0.1992 0.2630 0.2589 0.0536  0.0401  0.0402  1006 DG  A "C3'" 
192 O  "O3'" . DG  A 6 ? 0.2802 0.4087 0.2830 0.1123  0.0651  0.0427  1006 DG  A "O3'" 
193 C  "C2'" . DG  A 6 ? 0.1383 0.2850 0.2877 0.0045  -0.0102 0.0599  1006 DG  A "C2'" 
194 C  "C1'" . DG  A 6 ? 0.1104 0.3058 0.2637 -0.0182 0.0057  0.0307  1006 DG  A "C1'" 
195 N  N9    . DG  A 6 ? 0.1237 0.2509 0.2642 0.0120  -0.0198 0.0426  1006 DG  A N9    
196 C  C8    . DG  A 6 ? 0.1321 0.2427 0.2593 0.0301  -0.0296 0.0332  1006 DG  A C8    
197 N  N7    . DG  A 6 ? 0.1689 0.2310 0.2443 0.0058  -0.0196 -0.0309 1006 DG  A N7    
198 C  C5    . DG  A 6 ? 0.1665 0.2044 0.1740 0.0398  -0.0318 0.0043  1006 DG  A C5    
199 C  C6    . DG  A 6 ? 0.1891 0.1575 0.1706 0.0476  -0.0692 -0.0041 1006 DG  A C6    
200 O  O6    . DG  A 6 ? 0.2039 0.1542 0.1820 0.0234  -0.0443 -0.0014 1006 DG  A O6    
201 N  N1    . DG  A 6 ? 0.1320 0.1821 0.1708 0.0625  -0.0191 -0.0122 1006 DG  A N1    
202 C  C2    . DG  A 6 ? 0.1114 0.1873 0.1809 0.0723  -0.0092 0.0007  1006 DG  A C2    
203 N  N2    . DG  A 6 ? 0.2096 0.1969 0.1442 0.0902  -0.0320 -0.0019 1006 DG  A N2    
204 N  N3    . DG  A 6 ? 0.1492 0.2358 0.1726 0.0476  -0.0208 0.0099  1006 DG  A N3    
205 C  C4    . DG  A 6 ? 0.0947 0.2005 0.1931 0.0493  -0.0265 0.0050  1006 DG  A C4    
218 C  C1    . DA6 B . ? 0.1990 0.2915 0.4039 -0.0415 -0.1336 0.0643  3013 DA6 A C1    
219 C  C2    . DA6 B . ? 0.1992 0.3008 0.3555 -0.0230 -0.0903 0.0418  3013 DA6 A C2    
220 C  C3    . DA6 B . ? 0.1920 0.2948 0.4183 0.0249  -0.0593 0.0419  3013 DA6 A C3    
221 C  C4    . DA6 B . ? 0.1714 0.2530 0.2993 0.0591  -0.0621 0.1149  3013 DA6 A C4    
222 C  C5    . DA6 B . ? 0.2606 0.1561 0.3923 0.1361  -0.0648 0.0542  3013 DA6 A C5    
223 C  C6    . DA6 B . ? 0.2954 0.1480 0.2132 0.0467  -0.1626 -0.0784 3013 DA6 A C6    
224 C  C7    . DA6 B . ? 0.2810 0.2087 0.2229 0.1090  -0.1122 -0.0454 3013 DA6 A C7    
225 C  C8    . DA6 B . ? 0.1529 0.1930 0.3111 0.0795  0.0180  -0.0374 3013 DA6 A C8    
226 C  C9    . DA6 B . ? 0.1181 0.2450 0.2947 0.0232  -0.0299 0.0304  3013 DA6 A C9    
227 N  N9    . DA6 B . ? 0.2613 0.3387 0.2596 0.0638  -0.0123 0.0746  3013 DA6 A N9    
228 N  N10   . DA6 B . ? 0.1329 0.2524 0.2980 0.0599  -0.0518 0.0758  3013 DA6 A N10   
229 C  C11   . DA6 B . ? 0.0885 0.2764 0.2815 0.0357  -0.0609 0.0829  3013 DA6 A C11   
230 C  C12   . DA6 B . ? 0.2154 0.2401 0.3335 0.0634  -0.0371 0.1093  3013 DA6 A C12   
231 C  C13   . DA6 B . ? 0.1248 0.2349 0.3322 0.0736  -0.0072 0.0643  3013 DA6 A C13   
232 C  C14   . DA6 B . ? 0.1610 0.2029 0.3218 0.0915  -0.0337 0.0295  3013 DA6 A C14   
233 BR BR    . DA6 B . ? 0.5450 0.6282 0.5351 0.1956  -0.1494 -0.0590 3013 DA6 A BR    
234 C  CD1   . DA6 B . ? 0.2193 0.2980 0.3249 0.1278  0.0010  0.1280  3013 DA6 A CD1   
235 O  OD1   . DA6 B . ? 0.2325 0.2575 0.3040 0.1470  0.0120  0.1574  3013 DA6 A OD1   
236 N  ND1   . DA6 B . ? 0.1883 0.3432 0.2985 0.0959  -0.0573 0.1367  3013 DA6 A ND1   
237 C  CD2   . DA6 B . ? 0.2570 0.4204 0.3488 0.0978  0.0517  0.1540  3013 DA6 A CD2   
238 C  CD3   . DA6 B . ? 0.2555 0.4718 0.3692 0.0933  0.0654  0.0748  3013 DA6 A CD3   
239 N  ND2   . DA6 B . ? 0.3539 0.5414 0.4525 0.0610  0.0066  0.0394  3013 DA6 A ND2   
240 C  CD7   . DA6 B . ? 0.4645 0.7509 0.4725 0.0518  -0.0837 0.0733  3013 DA6 A CD7   
241 C  CD8   . DA6 B . ? 0.4108 0.4845 0.4116 0.0167  0.0359  -0.0349 3013 DA6 A CD8   
263 C  C1    . DA6 C . ? 0.1328 0.3203 0.3540 0.1200  0.0309  0.0362  3015 DA6 A C1    
264 C  C2    . DA6 C . ? 0.1366 0.3094 0.3633 0.1134  0.0281  0.0535  3015 DA6 A C2    
265 C  C3    . DA6 C . ? 0.1870 0.2849 0.3815 0.0703  0.0078  0.0588  3015 DA6 A C3    
266 C  C4    . DA6 C . ? 0.1294 0.2690 0.3690 0.1010  0.0373  0.0242  3015 DA6 A C4    
267 C  C5    . DA6 C . ? 0.1669 0.3536 0.1589 -0.0069 -0.1449 0.0169  3015 DA6 A C5    
268 C  C6    . DA6 C . ? 0.2438 0.3399 0.2513 -0.0118 -0.0941 0.0075  3015 DA6 A C6    
269 C  C7    . DA6 C . ? 0.2162 0.3302 0.2675 -0.0020 -0.0869 -0.0040 3015 DA6 A C7    
270 C  C8    . DA6 C . ? 0.2285 0.2880 0.2849 0.0130  -0.0823 0.0245  3015 DA6 A C8    
271 C  C9    . DA6 C . ? 0.1816 0.2754 0.2880 0.0982  -0.0260 0.0164  3015 DA6 A C9    
272 N  N9    . DA6 C . ? 0.2714 0.4535 0.3682 0.1247  0.0904  -0.1382 3015 DA6 A N9    
273 N  N10   . DA6 C . ? 0.2334 0.1850 0.2404 0.0786  -0.1117 0.0143  3015 DA6 A N10   
274 C  C11   . DA6 C . ? 0.0245 0.3300 0.3361 0.0857  -0.0039 0.0291  3015 DA6 A C11   
275 C  C12   . DA6 C . ? 0.1366 0.2822 0.3228 0.0767  -0.0424 0.0406  3015 DA6 A C12   
276 C  C13   . DA6 C . ? 0.2110 0.2650 0.2195 0.0344  -0.0947 -0.0039 3015 DA6 A C13   
277 C  C14   . DA6 C . ? 0.1670 0.3048 0.2436 0.0124  -0.0984 0.0285  3015 DA6 A C14   
278 BR BR    . DA6 C . ? 0.1921 0.3619 0.2908 0.0061  -0.0394 -0.0056 3015 DA6 A BR    
279 C  CD1   . DA6 C . ? 0.2832 0.3234 0.4052 0.0522  0.0077  -0.0207 3015 DA6 A CD1   
280 O  OD1   . DA6 C . ? 0.3170 0.3364 0.4388 0.0119  -0.0715 0.0056  3015 DA6 A OD1   
281 N  ND1   . DA6 C . ? 0.2764 0.4461 0.3846 0.0383  0.0305  -0.0344 3015 DA6 A ND1   
282 C  CD2   . DA6 C . ? 0.3902 0.4172 0.4326 0.0752  0.0442  -0.0642 3015 DA6 A CD2   
283 C  CD3   . DA6 C . ? 0.3977 0.3741 0.4857 0.0389  -0.0178 -0.0503 3015 DA6 A CD3   
284 N  ND2   . DA6 C . ? 0.3806 0.3660 0.3042 0.0195  -0.0290 -0.0986 3015 DA6 A ND2   
285 C  CD7   . DA6 C . ? 0.3982 0.5951 0.1715 0.0042  -0.0067 -0.0732 3015 DA6 A CD7   
286 C  CD8   . DA6 C . ? 0.4088 0.3864 0.2995 0.0482  -0.0780 -0.0848 3015 DA6 A CD8   
307 O  O     . HOH D . ? 0.1673 0.3539 0.2560 0.0124  0.0103  -0.0714 4001 HOH A O     
308 O  O     . HOH D . ? 0.5454 0.5357 0.2985 0.1041  0.0600  0.0240  4002 HOH A O     
309 O  O     . HOH D . ? 0.2098 0.3475 0.3305 0.0093  -0.0204 0.0462  4003 HOH A O     
310 O  O     . HOH D . ? 0.2592 0.3359 0.3762 -0.0154 0.0456  0.0285  4004 HOH A O     
311 O  O     . HOH D . ? 0.6754 0.8715 0.3158 0.0360  -0.0698 -0.0945 4005 HOH A O     
312 O  O     . HOH D . ? 0.5070 0.5333 0.3234 -0.0121 -0.1220 0.0451  4006 HOH A O     
313 O  O     . HOH D . ? 0.2953 0.2118 0.2119 -0.0025 -0.0391 -0.0535 4007 HOH A O     
314 O  O     . HOH D . ? 0.2457 0.4806 0.3332 0.0679  0.0705  0.1165  4008 HOH A O     
315 O  O     . HOH D . ? 0.5772 0.5709 0.3171 0.1379  -0.1244 -0.2035 4009 HOH A O     
316 O  O     . HOH D . ? 0.7746 0.3760 0.4689 0.0634  -0.0453 -0.1690 4010 HOH A O     
317 O  O     . HOH D . ? 0.4349 0.3401 0.4543 -0.0579 -0.0297 -0.1240 4011 HOH A O     
318 O  O     . HOH D . ? 0.4053 0.7067 0.3648 0.1904  -0.0199 0.1867  4012 HOH A O     
319 O  O     . HOH D . ? 0.6724 0.5476 0.5066 0.0060  -0.0448 0.0202  4013 HOH A O     
320 O  O     . HOH D . ? 0.2523 0.3314 0.4258 -0.0240 -0.0567 -0.0570 4014 HOH A O     
321 O  O     . HOH D . ? 0.6228 0.9051 0.8065 -0.0046 -0.0653 0.0260  4015 HOH A O     
322 O  O     . HOH D . ? 0.4929 0.5771 0.5263 -0.0376 -0.1112 -0.1474 4017 HOH A O     
323 O  O     . HOH D . ? 0.5795 0.6088 0.4030 -0.1306 -0.1584 -0.0684 4018 HOH A O     
324 O  O     . HOH D . ? 0.3370 0.3403 0.4428 -0.0023 0.0745  -0.0837 4019 HOH A O     
325 O  O     . HOH D . ? 0.3585 0.4429 0.4266 0.0069  0.0117  0.0724  4020 HOH A O     
326 O  O     . HOH D . ? 0.2794 0.7038 0.3907 0.0041  0.1341  -0.0379 4022 HOH A O     
327 O  O     . HOH D . ? 0.4909 0.5729 0.6004 0.0296  0.0533  0.0500  4023 HOH A O     
328 O  O     . HOH D . ? 0.5462 0.6810 0.4711 -0.0614 0.0778  -0.0530 4024 HOH A O     
329 O  O     . HOH D . ? 0.6871 1.0528 0.5151 0.0729  0.1134  0.3895  4025 HOH A O     
330 O  O     . HOH D . ? 0.4862 0.3690 0.9895 -0.1344 -0.2067 -0.1128 4026 HOH A O     
331 O  O     . HOH D . ? 0.7388 0.8111 0.3667 0.0851  0.0052  0.0181  4027 HOH A O     
332 O  O     . HOH D . ? 0.7534 0.6811 0.1596 0.1348  0.0309  -0.0823 4028 HOH A O     
333 O  O     . HOH D . ? 0.5393 0.3504 0.2711 -0.0095 0.0373  0.1111  4029 HOH A O     
334 O  O     . HOH D . ? 0.3147 0.6135 0.7987 -0.0699 -0.0806 0.2380  4030 HOH A O     
# 
